data_7YHE
#
_entry.id   7YHE
#
_cell.length_a   93.115
_cell.length_b   127.191
_cell.length_c   138.759
_cell.angle_alpha   90.000
_cell.angle_beta   90.000
_cell.angle_gamma   90.000
#
_symmetry.space_group_name_H-M   'I 2 2 2'
#
loop_
_entity.id
_entity.type
_entity.pdbx_description
1 polymer CmnC
2 non-polymer '2-OXOGLUTARIC ACID'
3 non-polymer 'TRIETHYLENE GLYCOL'
4 non-polymer 'FE (III) ION'
5 water water
#
_entity_poly.entity_id   1
_entity_poly.type   'polypeptide(L)'
_entity_poly.pdbx_seq_one_letter_code
;MGSSHHHHHHSSGLVPRGSHMTAIREIRLSEPESAQAALLALECAQRYAEPDSADFLADAAVLAHDLPRAVRREVERARL
DDRLHALVVRGNDVDQDALGPTPPHWRQARTAASRRYGFLLVLYASLLGDVVGWATQQDGRVVTDVLPIEGQEDSQVGSS
SSVELGWHTEDAFSPYRADYVGLFSLRNPDSVATTVAGLDPDLVGPAVVDVLFGERFHIRPDNSHLPTHNSGGRLSDYFA
GIVEAVENPRAVSILRGHRDAPQLCVDSYFTTAVDGDAEAAGALDTLIKHLGGALYEVVLGPGDVAFLDNRNVVHGRRPF
RARFDGTDRWLKRINVTADLRKSRAARRDAQARVLGEA
;
_entity_poly.pdbx_strand_id   A,B
#
loop_
_chem_comp.id
_chem_comp.type
_chem_comp.name
_chem_comp.formula
AKG non-polymer '2-OXOGLUTARIC ACID' 'C5 H6 O5'
FE non-polymer 'FE (III) ION' 'Fe 3'
PGE non-polymer 'TRIETHYLENE GLYCOL' 'C6 H14 O4'
#
# COMPACT_ATOMS: atom_id res chain seq x y z
N MET A 21 -19.47 15.27 -3.80
CA MET A 21 -19.19 16.67 -4.25
C MET A 21 -17.68 16.95 -4.21
N THR A 22 -16.94 16.28 -3.32
CA THR A 22 -15.46 16.36 -3.22
C THR A 22 -14.82 15.23 -4.04
N ALA A 23 -15.46 14.76 -5.12
CA ALA A 23 -14.87 13.77 -6.04
C ALA A 23 -13.65 14.40 -6.72
N ILE A 24 -13.71 15.70 -7.02
CA ILE A 24 -12.53 16.48 -7.47
C ILE A 24 -12.07 17.35 -6.28
N ARG A 25 -10.90 17.04 -5.72
CA ARG A 25 -10.31 17.80 -4.60
C ARG A 25 -9.24 18.70 -5.18
N GLU A 26 -9.41 20.02 -5.08
CA GLU A 26 -8.45 20.96 -5.67
C GLU A 26 -7.73 21.73 -4.55
N ILE A 27 -6.41 21.79 -4.67
CA ILE A 27 -5.49 22.63 -3.86
C ILE A 27 -4.90 23.66 -4.83
N ARG A 28 -5.16 24.95 -4.64
CA ARG A 28 -4.43 25.98 -5.42
C ARG A 28 -3.26 26.48 -4.56
N LEU A 29 -2.03 26.27 -5.03
CA LEU A 29 -0.82 26.68 -4.26
C LEU A 29 -0.80 28.19 -4.17
N SER A 30 -0.51 28.73 -2.99
CA SER A 30 -0.03 30.12 -2.79
C SER A 30 1.35 30.27 -3.46
N GLU A 31 1.79 31.49 -3.73
CA GLU A 31 3.14 31.75 -4.30
C GLU A 31 4.20 31.10 -3.40
N PRO A 32 4.19 31.31 -2.07
CA PRO A 32 5.15 30.65 -1.17
C PRO A 32 5.13 29.12 -1.27
N GLU A 33 3.95 28.50 -1.31
CA GLU A 33 3.82 27.01 -1.41
C GLU A 33 4.39 26.55 -2.76
N SER A 34 4.08 27.26 -3.85
CA SER A 34 4.65 26.97 -5.19
C SER A 34 6.18 27.08 -5.13
N ALA A 35 6.68 28.17 -4.55
CA ALA A 35 8.14 28.45 -4.41
C ALA A 35 8.81 27.31 -3.64
N GLN A 36 8.19 26.88 -2.53
CA GLN A 36 8.74 25.83 -1.62
C GLN A 36 8.82 24.49 -2.38
N ALA A 37 7.77 24.12 -3.11
CA ALA A 37 7.72 22.86 -3.89
C ALA A 37 8.81 22.89 -4.96
N ALA A 38 8.95 24.02 -5.66
CA ALA A 38 9.98 24.21 -6.72
C ALA A 38 11.39 24.07 -6.13
N LEU A 39 11.65 24.70 -4.98
CA LEU A 39 13.00 24.67 -4.35
C LEU A 39 13.34 23.23 -3.95
N LEU A 40 12.37 22.50 -3.40
CA LEU A 40 12.57 21.07 -3.06
C LEU A 40 12.88 20.27 -4.33
N ALA A 41 12.14 20.48 -5.41
CA ALA A 41 12.34 19.74 -6.68
C ALA A 41 13.74 20.06 -7.21
N LEU A 42 14.15 21.32 -7.14
CA LEU A 42 15.50 21.75 -7.64
C LEU A 42 16.58 21.15 -6.76
N GLU A 43 16.37 21.04 -5.44
CA GLU A 43 17.33 20.38 -4.51
C GLU A 43 17.51 18.92 -4.94
N CYS A 44 16.41 18.24 -5.26
CA CYS A 44 16.47 16.84 -5.74
C CYS A 44 17.22 16.78 -7.08
N ALA A 45 16.97 17.72 -8.00
CA ALA A 45 17.64 17.77 -9.32
C ALA A 45 19.15 18.00 -9.12
N GLN A 46 19.54 18.75 -8.10
CA GLN A 46 20.98 18.98 -7.84
C GLN A 46 21.64 17.72 -7.28
N ARG A 47 20.89 16.92 -6.51
CA ARG A 47 21.45 15.74 -5.82
C ARG A 47 21.50 14.53 -6.76
N TYR A 48 20.44 14.26 -7.51
CA TYR A 48 20.25 12.96 -8.22
C TYR A 48 20.24 13.16 -9.73
N ALA A 49 20.57 12.12 -10.49
CA ALA A 49 20.68 12.15 -11.96
C ALA A 49 19.28 12.23 -12.58
N GLU A 50 18.45 11.21 -12.34
CA GLU A 50 17.13 11.06 -13.00
C GLU A 50 16.03 11.10 -11.94
N PRO A 51 14.82 11.58 -12.27
CA PRO A 51 13.70 11.55 -11.34
C PRO A 51 13.25 10.12 -11.03
N ASP A 52 13.81 9.10 -11.68
CA ASP A 52 13.55 7.69 -11.27
C ASP A 52 14.87 6.95 -11.03
N SER A 53 15.95 7.68 -10.72
CA SER A 53 17.21 7.09 -10.17
C SER A 53 16.87 6.30 -8.91
N ALA A 54 17.46 5.12 -8.75
CA ALA A 54 17.18 4.23 -7.60
C ALA A 54 17.38 4.97 -6.28
N ASP A 55 18.48 5.72 -6.14
CA ASP A 55 18.82 6.39 -4.85
C ASP A 55 17.74 7.43 -4.54
N PHE A 56 17.27 8.18 -5.54
CA PHE A 56 16.19 9.18 -5.35
C PHE A 56 14.92 8.44 -4.91
N LEU A 57 14.54 7.37 -5.60
CA LEU A 57 13.26 6.66 -5.29
C LEU A 57 13.31 6.06 -3.87
N ALA A 58 14.48 5.59 -3.41
CA ALA A 58 14.64 5.09 -2.03
C ALA A 58 14.33 6.21 -1.03
N ASP A 59 14.69 7.46 -1.38
CA ASP A 59 14.67 8.65 -0.50
C ASP A 59 13.33 9.41 -0.69
N ALA A 60 12.55 9.08 -1.71
CA ALA A 60 11.43 9.95 -2.20
C ALA A 60 10.34 10.12 -1.14
N ALA A 61 9.96 9.05 -0.43
CA ALA A 61 8.87 9.10 0.56
C ALA A 61 9.22 10.13 1.64
N VAL A 62 10.47 10.14 2.11
CA VAL A 62 10.90 11.08 3.18
C VAL A 62 11.03 12.48 2.60
N LEU A 63 11.62 12.63 1.41
CA LEU A 63 11.74 13.97 0.77
C LEU A 63 10.35 14.56 0.51
N ALA A 64 9.36 13.75 0.15
CA ALA A 64 7.99 14.20 -0.15
C ALA A 64 7.40 14.92 1.08
N HIS A 65 7.83 14.54 2.28
CA HIS A 65 7.32 15.07 3.58
C HIS A 65 7.82 16.50 3.80
N ASP A 66 8.74 17.00 2.96
CA ASP A 66 9.25 18.40 3.03
C ASP A 66 8.39 19.32 2.15
N LEU A 67 7.42 18.78 1.41
CA LEU A 67 6.44 19.61 0.67
C LEU A 67 5.61 20.40 1.68
N PRO A 68 4.99 21.53 1.26
CA PRO A 68 4.23 22.37 2.19
C PRO A 68 3.16 21.58 2.98
N ARG A 69 3.04 21.88 4.28
CA ARG A 69 2.19 21.13 5.25
C ARG A 69 0.73 21.18 4.79
N ALA A 70 0.23 22.38 4.45
CA ALA A 70 -1.17 22.58 3.99
C ALA A 70 -1.44 21.68 2.78
N VAL A 71 -0.45 21.51 1.91
CA VAL A 71 -0.57 20.66 0.69
C VAL A 71 -0.59 19.18 1.12
N ARG A 72 0.31 18.77 1.99
CA ARG A 72 0.35 17.36 2.51
C ARG A 72 -0.99 17.02 3.19
N ARG A 73 -1.59 17.97 3.91
CA ARG A 73 -2.89 17.75 4.59
C ARG A 73 -3.96 17.39 3.55
N GLU A 74 -4.06 18.15 2.46
CA GLU A 74 -5.12 17.95 1.45
C GLU A 74 -4.85 16.67 0.66
N VAL A 75 -3.59 16.36 0.37
CA VAL A 75 -3.22 15.11 -0.36
C VAL A 75 -3.65 13.92 0.51
N GLU A 76 -3.39 13.97 1.81
CA GLU A 76 -3.77 12.88 2.75
C GLU A 76 -5.30 12.72 2.80
N ARG A 77 -6.07 13.81 2.79
CA ARG A 77 -7.56 13.73 2.72
C ARG A 77 -7.96 13.00 1.43
N ALA A 78 -7.33 13.34 0.30
CA ALA A 78 -7.59 12.69 -1.01
C ALA A 78 -7.26 11.19 -0.91
N ARG A 79 -6.14 10.84 -0.30
CA ARG A 79 -5.62 9.46 -0.30
C ARG A 79 -6.62 8.51 0.36
N LEU A 80 -7.33 8.97 1.38
CA LEU A 80 -8.22 8.13 2.21
C LEU A 80 -9.68 8.30 1.77
N ASP A 81 -9.93 9.12 0.75
CA ASP A 81 -11.30 9.32 0.23
C ASP A 81 -11.55 8.24 -0.82
N ASP A 82 -12.31 7.20 -0.48
CA ASP A 82 -12.48 6.04 -1.38
C ASP A 82 -13.54 6.34 -2.47
N ARG A 83 -14.04 7.58 -2.54
CA ARG A 83 -14.91 8.04 -3.65
C ARG A 83 -14.19 9.11 -4.48
N LEU A 84 -12.88 9.32 -4.24
CA LEU A 84 -12.09 10.32 -5.00
C LEU A 84 -12.14 10.00 -6.50
N HIS A 85 -12.30 11.03 -7.33
CA HIS A 85 -12.07 10.94 -8.79
C HIS A 85 -10.65 11.44 -9.05
N ALA A 86 -10.33 12.66 -8.62
CA ALA A 86 -8.98 13.22 -8.82
C ALA A 86 -8.67 14.26 -7.77
N LEU A 87 -7.42 14.25 -7.33
CA LEU A 87 -6.77 15.34 -6.59
C LEU A 87 -6.07 16.20 -7.64
N VAL A 88 -6.31 17.52 -7.62
CA VAL A 88 -5.67 18.46 -8.58
C VAL A 88 -4.93 19.51 -7.76
N VAL A 89 -3.61 19.58 -7.92
CA VAL A 89 -2.77 20.62 -7.28
C VAL A 89 -2.45 21.63 -8.38
N ARG A 90 -3.00 22.85 -8.26
CA ARG A 90 -2.84 23.91 -9.28
C ARG A 90 -1.70 24.86 -8.90
N GLY A 91 -0.99 25.35 -9.91
CA GLY A 91 -0.14 26.55 -9.83
C GLY A 91 1.29 26.27 -9.40
N ASN A 92 1.84 25.09 -9.72
CA ASN A 92 3.30 24.86 -9.58
C ASN A 92 4.04 25.76 -10.57
N ASP A 93 5.23 26.18 -10.19
CA ASP A 93 6.14 26.99 -11.04
C ASP A 93 6.59 26.17 -12.25
N VAL A 94 6.34 26.66 -13.46
CA VAL A 94 6.94 26.10 -14.71
C VAL A 94 7.53 27.27 -15.51
N ASP A 95 8.87 27.28 -15.65
CA ASP A 95 9.60 28.31 -16.44
C ASP A 95 9.57 27.87 -17.91
N GLN A 96 8.64 28.41 -18.70
CA GLN A 96 8.39 28.00 -20.11
C GLN A 96 9.64 28.27 -20.95
N ASP A 97 10.27 29.43 -20.76
CA ASP A 97 11.50 29.83 -21.49
C ASP A 97 12.59 28.79 -21.23
N ALA A 98 12.89 28.48 -19.97
CA ALA A 98 13.95 27.54 -19.56
C ALA A 98 13.61 26.13 -20.05
N LEU A 99 12.32 25.75 -20.09
CA LEU A 99 11.90 24.38 -20.46
C LEU A 99 12.27 24.09 -21.92
N GLY A 100 12.22 25.11 -22.79
CA GLY A 100 12.51 24.94 -24.22
C GLY A 100 11.40 24.22 -24.95
N PRO A 101 11.65 23.76 -26.19
CA PRO A 101 10.60 23.20 -27.05
C PRO A 101 10.09 21.82 -26.59
N THR A 102 8.81 21.55 -26.87
CA THR A 102 8.20 20.21 -26.66
C THR A 102 8.91 19.23 -27.58
N PRO A 103 9.57 18.18 -27.02
CA PRO A 103 10.19 17.15 -27.84
C PRO A 103 9.21 16.51 -28.81
N PRO A 104 9.69 16.07 -29.99
CA PRO A 104 8.82 15.45 -30.99
C PRO A 104 8.51 13.97 -30.74
N HIS A 105 9.09 13.38 -29.70
CA HIS A 105 8.93 11.94 -29.35
C HIS A 105 9.24 11.77 -27.87
N TRP A 106 8.56 10.83 -27.20
CA TRP A 106 8.79 10.53 -25.76
C TRP A 106 10.24 10.05 -25.56
N ARG A 107 10.82 9.39 -26.55
CA ARG A 107 12.20 8.85 -26.44
C ARG A 107 13.17 10.02 -26.19
N GLN A 108 12.87 11.20 -26.74
CA GLN A 108 13.71 12.42 -26.63
C GLN A 108 13.24 13.34 -25.51
N ALA A 109 12.28 12.91 -24.67
CA ALA A 109 11.58 13.81 -23.73
C ALA A 109 12.21 13.80 -22.34
N ARG A 110 13.26 12.99 -22.13
CA ARG A 110 14.08 13.02 -20.88
C ARG A 110 15.08 14.15 -20.95
N THR A 111 14.60 15.40 -21.06
CA THR A 111 15.44 16.60 -21.30
C THR A 111 16.02 17.08 -19.98
N ALA A 112 17.22 17.67 -20.02
CA ALA A 112 17.84 18.33 -18.85
C ALA A 112 16.83 19.29 -18.20
N ALA A 113 16.21 20.16 -18.99
CA ALA A 113 15.36 21.29 -18.52
C ALA A 113 14.08 20.78 -17.86
N SER A 114 13.59 19.59 -18.22
CA SER A 114 12.33 19.02 -17.71
C SER A 114 12.56 18.12 -16.48
N ARG A 115 13.81 17.84 -16.10
CA ARG A 115 14.11 16.94 -14.96
C ARG A 115 13.37 17.42 -13.70
N ARG A 116 13.43 18.72 -13.40
CA ARG A 116 12.86 19.31 -12.16
C ARG A 116 11.37 18.96 -12.05
N TYR A 117 10.66 18.81 -13.15
CA TYR A 117 9.19 18.56 -13.15
C TYR A 117 8.95 17.07 -12.92
N GLY A 118 9.83 16.22 -13.46
CA GLY A 118 9.88 14.78 -13.14
C GLY A 118 10.08 14.57 -11.65
N PHE A 119 11.08 15.23 -11.06
CA PHE A 119 11.36 15.10 -9.61
C PHE A 119 10.11 15.54 -8.84
N LEU A 120 9.53 16.68 -9.22
CA LEU A 120 8.39 17.22 -8.45
C LEU A 120 7.19 16.28 -8.57
N LEU A 121 6.94 15.71 -9.75
CA LEU A 121 5.84 14.73 -9.92
C LEU A 121 6.05 13.54 -8.95
N VAL A 122 7.26 13.01 -8.87
CA VAL A 122 7.56 11.88 -7.96
C VAL A 122 7.33 12.31 -6.50
N LEU A 123 7.75 13.51 -6.13
CA LEU A 123 7.58 13.97 -4.72
C LEU A 123 6.09 13.98 -4.37
N TYR A 124 5.25 14.62 -5.19
CA TYR A 124 3.78 14.65 -4.94
C TYR A 124 3.25 13.22 -4.90
N ALA A 125 3.68 12.40 -5.86
CA ALA A 125 3.17 11.02 -6.02
C ALA A 125 3.49 10.20 -4.78
N SER A 126 4.63 10.45 -4.14
CA SER A 126 5.17 9.61 -3.04
C SER A 126 4.42 9.89 -1.72
N LEU A 127 3.60 10.95 -1.69
CA LEU A 127 2.62 11.17 -0.61
C LEU A 127 1.46 10.15 -0.72
N LEU A 128 1.19 9.60 -1.90
CA LEU A 128 -0.01 8.75 -2.15
C LEU A 128 0.36 7.27 -2.13
N GLY A 129 1.63 6.94 -2.36
CA GLY A 129 2.06 5.54 -2.47
C GLY A 129 3.46 5.50 -3.03
N ASP A 130 3.80 4.38 -3.65
CA ASP A 130 5.15 4.17 -4.24
C ASP A 130 5.03 4.16 -5.76
N VAL A 131 5.95 4.81 -6.43
CA VAL A 131 5.88 4.93 -7.90
C VAL A 131 6.37 3.63 -8.55
N VAL A 132 5.71 3.25 -9.64
CA VAL A 132 6.07 2.07 -10.47
C VAL A 132 6.01 2.46 -11.95
N GLY A 133 6.75 1.73 -12.77
CA GLY A 133 6.60 1.76 -14.23
C GLY A 133 6.34 0.36 -14.76
N TRP A 134 6.36 0.23 -16.09
CA TRP A 134 6.06 -1.04 -16.79
C TRP A 134 7.20 -1.31 -17.77
N ALA A 135 7.71 -2.54 -17.83
CA ALA A 135 8.77 -2.93 -18.75
C ALA A 135 8.34 -2.63 -20.20
N THR A 136 7.03 -2.64 -20.45
CA THR A 136 6.41 -2.61 -21.79
C THR A 136 5.77 -1.24 -22.07
N GLN A 137 6.09 -0.21 -21.28
CA GLN A 137 5.66 1.19 -21.55
C GLN A 137 6.87 2.12 -21.50
N GLN A 138 7.13 2.81 -22.61
CA GLN A 138 8.23 3.80 -22.74
C GLN A 138 9.50 3.25 -22.10
N ASP A 139 9.85 2.02 -22.47
CA ASP A 139 11.15 1.36 -22.15
C ASP A 139 11.34 1.24 -20.62
N GLY A 140 10.25 1.09 -19.87
CA GLY A 140 10.34 0.87 -18.42
C GLY A 140 10.68 2.12 -17.63
N ARG A 141 10.55 3.30 -18.24
CA ARG A 141 10.70 4.57 -17.51
C ARG A 141 9.59 4.68 -16.46
N VAL A 142 9.91 5.18 -15.28
CA VAL A 142 8.88 5.40 -14.23
C VAL A 142 8.19 6.75 -14.51
N VAL A 143 8.96 7.81 -14.75
CA VAL A 143 8.39 9.12 -15.21
C VAL A 143 8.30 9.06 -16.73
N THR A 144 7.09 9.03 -17.26
CA THR A 144 6.83 8.91 -18.73
C THR A 144 6.36 10.25 -19.27
N ASP A 145 6.25 10.34 -20.59
CA ASP A 145 5.91 11.62 -21.27
C ASP A 145 4.65 11.42 -22.10
N VAL A 146 3.78 12.42 -22.07
CA VAL A 146 2.52 12.48 -22.84
C VAL A 146 2.62 13.71 -23.75
N LEU A 147 2.94 13.50 -25.02
CA LEU A 147 3.05 14.63 -25.98
C LEU A 147 2.69 14.08 -27.35
N PRO A 148 2.20 14.94 -28.26
CA PRO A 148 1.74 14.48 -29.56
C PRO A 148 2.91 14.13 -30.46
N ILE A 149 2.80 13.01 -31.16
CA ILE A 149 3.83 12.49 -32.10
C ILE A 149 3.22 12.41 -33.50
N GLU A 150 3.93 12.96 -34.49
CA GLU A 150 3.56 12.83 -35.92
C GLU A 150 3.46 11.35 -36.26
N GLY A 151 2.32 10.93 -36.81
CA GLY A 151 2.07 9.53 -37.20
C GLY A 151 1.20 8.81 -36.18
N GLN A 152 1.02 9.38 -34.98
CA GLN A 152 0.20 8.76 -33.89
C GLN A 152 -1.11 9.53 -33.71
N GLU A 153 -1.45 10.47 -34.60
CA GLU A 153 -2.62 11.37 -34.45
C GLU A 153 -3.88 10.56 -34.13
N ASP A 154 -4.11 9.45 -34.84
CA ASP A 154 -5.38 8.68 -34.87
C ASP A 154 -5.25 7.36 -34.10
N SER A 155 -4.17 7.20 -33.32
CA SER A 155 -3.91 6.01 -32.48
C SER A 155 -4.69 6.13 -31.17
N GLN A 156 -4.73 5.04 -30.39
CA GLN A 156 -5.28 5.01 -29.02
C GLN A 156 -4.14 4.95 -27.99
N VAL A 157 -3.12 5.79 -28.17
CA VAL A 157 -2.02 5.93 -27.16
C VAL A 157 -1.93 7.40 -26.76
N GLY A 158 -1.19 7.68 -25.69
CA GLY A 158 -1.09 9.02 -25.08
C GLY A 158 -0.51 10.06 -26.02
N SER A 159 0.20 9.65 -27.08
CA SER A 159 0.85 10.57 -28.06
C SER A 159 -0.11 10.90 -29.21
N SER A 160 -1.37 10.51 -29.11
CA SER A 160 -2.41 10.84 -30.12
C SER A 160 -2.79 12.33 -29.99
N SER A 161 -3.59 12.81 -30.92
CA SER A 161 -4.06 14.22 -30.93
C SER A 161 -5.44 14.28 -31.58
N SER A 162 -5.52 14.09 -32.90
CA SER A 162 -6.73 14.27 -33.73
C SER A 162 -7.89 13.40 -33.23
N VAL A 163 -7.63 12.13 -32.87
CA VAL A 163 -8.70 11.20 -32.41
C VAL A 163 -8.71 11.18 -30.87
N GLU A 164 -9.88 11.37 -30.27
CA GLU A 164 -10.10 11.29 -28.81
C GLU A 164 -9.47 10.01 -28.26
N LEU A 165 -8.70 10.14 -27.19
CA LEU A 165 -8.17 8.96 -26.45
C LEU A 165 -9.32 8.40 -25.63
N GLY A 166 -9.79 7.21 -26.02
CA GLY A 166 -10.94 6.54 -25.38
C GLY A 166 -10.70 6.35 -23.90
N TRP A 167 -11.74 6.51 -23.09
CA TRP A 167 -11.63 6.38 -21.61
C TRP A 167 -11.20 4.95 -21.24
N HIS A 168 -10.43 4.84 -20.18
CA HIS A 168 -9.91 3.55 -19.69
C HIS A 168 -9.45 3.71 -18.25
N THR A 169 -9.60 2.64 -17.49
CA THR A 169 -8.76 2.34 -16.31
C THR A 169 -7.33 2.13 -16.81
N GLU A 170 -6.34 2.76 -16.20
CA GLU A 170 -4.92 2.58 -16.60
C GLU A 170 -4.54 1.11 -16.36
N ASP A 171 -4.01 0.47 -17.40
CA ASP A 171 -3.51 -0.94 -17.33
C ASP A 171 -4.59 -1.85 -16.77
N ALA A 172 -5.82 -1.68 -17.27
CA ALA A 172 -7.04 -2.37 -16.80
C ALA A 172 -6.82 -3.89 -16.78
N PHE A 173 -6.05 -4.40 -17.74
CA PHE A 173 -5.81 -5.86 -17.92
C PHE A 173 -5.05 -6.46 -16.73
N SER A 174 -4.33 -5.65 -15.94
CA SER A 174 -3.28 -6.16 -15.03
C SER A 174 -3.76 -6.15 -13.59
N PRO A 175 -3.50 -7.23 -12.81
CA PRO A 175 -3.74 -7.21 -11.38
C PRO A 175 -2.82 -6.21 -10.66
N TYR A 176 -1.78 -5.73 -11.33
CA TYR A 176 -0.77 -4.80 -10.76
C TYR A 176 -1.01 -3.36 -11.23
N ARG A 177 -2.17 -3.10 -11.83
CA ARG A 177 -2.55 -1.75 -12.32
C ARG A 177 -2.43 -0.76 -11.17
N ALA A 178 -2.09 0.49 -11.49
CA ALA A 178 -1.85 1.54 -10.48
C ALA A 178 -3.12 1.83 -9.67
N ASP A 179 -2.92 2.34 -8.46
CA ASP A 179 -3.99 2.93 -7.62
C ASP A 179 -4.20 4.39 -8.02
N TYR A 180 -3.13 5.10 -8.39
CA TYR A 180 -3.23 6.48 -8.91
C TYR A 180 -2.43 6.62 -10.19
N VAL A 181 -2.95 7.42 -11.10
CA VAL A 181 -2.22 7.94 -12.29
C VAL A 181 -1.98 9.43 -12.03
N GLY A 182 -0.72 9.84 -12.01
CA GLY A 182 -0.29 11.24 -11.89
C GLY A 182 -0.03 11.84 -13.26
N LEU A 183 -0.53 13.05 -13.49
CA LEU A 183 -0.32 13.83 -14.73
C LEU A 183 0.18 15.21 -14.33
N PHE A 184 1.42 15.57 -14.69
CA PHE A 184 1.97 16.91 -14.44
C PHE A 184 2.00 17.65 -15.77
N SER A 185 1.13 18.64 -15.92
CA SER A 185 1.05 19.45 -17.16
C SER A 185 2.21 20.47 -17.16
N LEU A 186 3.11 20.37 -18.13
CA LEU A 186 4.21 21.34 -18.32
C LEU A 186 3.71 22.49 -19.20
N ARG A 187 2.79 22.17 -20.10
CA ARG A 187 2.41 23.00 -21.27
C ARG A 187 1.07 22.51 -21.80
N ASN A 188 0.11 23.42 -21.97
CA ASN A 188 -1.21 23.06 -22.53
C ASN A 188 -1.83 24.32 -23.12
N PRO A 189 -1.22 24.89 -24.19
CA PRO A 189 -1.61 26.21 -24.68
C PRO A 189 -3.06 26.31 -25.17
N ASP A 190 -3.64 25.21 -25.67
CA ASP A 190 -5.03 25.15 -26.20
C ASP A 190 -6.02 24.59 -25.16
N SER A 191 -5.61 24.49 -23.89
CA SER A 191 -6.51 24.06 -22.78
C SER A 191 -7.22 22.75 -23.14
N VAL A 192 -6.46 21.76 -23.62
CA VAL A 192 -7.00 20.43 -24.01
C VAL A 192 -7.38 19.67 -22.72
N ALA A 193 -8.60 19.14 -22.65
CA ALA A 193 -9.15 18.52 -21.43
C ALA A 193 -8.76 17.04 -21.35
N THR A 194 -8.34 16.63 -20.15
CA THR A 194 -8.37 15.23 -19.67
C THR A 194 -9.84 14.88 -19.41
N THR A 195 -10.26 13.66 -19.74
CA THR A 195 -11.64 13.20 -19.50
C THR A 195 -11.64 12.20 -18.35
N VAL A 196 -12.70 12.19 -17.56
CA VAL A 196 -12.82 11.43 -16.29
C VAL A 196 -14.26 10.93 -16.16
N ALA A 197 -14.47 9.70 -15.71
CA ALA A 197 -15.82 9.21 -15.32
C ALA A 197 -15.70 8.17 -14.22
N GLY A 198 -16.55 8.29 -13.20
CA GLY A 198 -16.77 7.23 -12.21
C GLY A 198 -18.08 6.51 -12.46
N LEU A 199 -18.35 5.47 -11.68
CA LEU A 199 -19.65 4.75 -11.69
C LEU A 199 -20.43 5.10 -10.43
N ASP A 200 -21.65 5.60 -10.58
CA ASP A 200 -22.65 5.66 -9.48
C ASP A 200 -23.47 4.37 -9.56
N PRO A 201 -23.31 3.43 -8.60
CA PRO A 201 -24.02 2.15 -8.67
C PRO A 201 -25.55 2.34 -8.63
N ASP A 202 -26.03 3.29 -7.84
CA ASP A 202 -27.48 3.65 -7.72
C ASP A 202 -28.03 4.06 -9.09
N LEU A 203 -27.23 4.77 -9.89
CA LEU A 203 -27.65 5.35 -11.19
C LEU A 203 -27.71 4.29 -12.29
N VAL A 204 -27.12 3.10 -12.06
CA VAL A 204 -27.15 1.96 -13.03
C VAL A 204 -27.99 0.81 -12.45
N GLY A 205 -28.17 0.76 -11.13
CA GLY A 205 -29.10 -0.17 -10.44
C GLY A 205 -28.46 -1.51 -10.11
N PRO A 206 -28.96 -2.21 -9.06
CA PRO A 206 -28.28 -3.40 -8.52
C PRO A 206 -28.19 -4.59 -9.48
N ALA A 207 -29.06 -4.64 -10.51
CA ALA A 207 -29.11 -5.74 -11.52
C ALA A 207 -27.82 -5.73 -12.35
N VAL A 208 -27.50 -4.58 -12.96
CA VAL A 208 -26.28 -4.40 -13.81
C VAL A 208 -25.04 -4.53 -12.91
N VAL A 209 -25.06 -3.93 -11.72
CA VAL A 209 -23.97 -3.99 -10.71
C VAL A 209 -23.64 -5.45 -10.39
N ASP A 210 -24.66 -6.29 -10.16
CA ASP A 210 -24.48 -7.73 -9.85
C ASP A 210 -23.76 -8.43 -11.00
N VAL A 211 -24.11 -8.10 -12.25
CA VAL A 211 -23.47 -8.68 -13.46
C VAL A 211 -22.02 -8.22 -13.53
N LEU A 212 -21.77 -6.91 -13.34
CA LEU A 212 -20.41 -6.32 -13.47
C LEU A 212 -19.47 -6.87 -12.38
N PHE A 213 -20.01 -7.35 -11.25
CA PHE A 213 -19.24 -7.97 -10.13
C PHE A 213 -18.80 -9.39 -10.51
N GLY A 214 -19.44 -10.00 -11.50
CA GLY A 214 -19.11 -11.37 -11.95
C GLY A 214 -17.84 -11.38 -12.76
N GLU A 215 -17.07 -12.47 -12.68
CA GLU A 215 -15.85 -12.69 -13.50
C GLU A 215 -16.29 -13.12 -14.91
N ARG A 216 -16.86 -12.19 -15.68
CA ARG A 216 -17.61 -12.48 -16.92
C ARG A 216 -17.09 -11.61 -18.07
N PHE A 217 -15.90 -11.03 -17.94
CA PHE A 217 -15.35 -10.07 -18.93
C PHE A 217 -13.90 -10.43 -19.27
N HIS A 218 -13.46 -9.99 -20.45
CA HIS A 218 -12.06 -10.05 -20.90
C HIS A 218 -11.55 -8.62 -21.03
N ILE A 219 -10.43 -8.32 -20.38
CA ILE A 219 -9.76 -6.99 -20.50
C ILE A 219 -8.34 -7.25 -21.04
N ARG A 220 -8.07 -6.84 -22.28
CA ARG A 220 -6.78 -7.07 -22.95
C ARG A 220 -5.88 -5.84 -22.77
N PRO A 221 -4.54 -6.02 -22.79
CA PRO A 221 -3.61 -4.88 -22.75
C PRO A 221 -3.88 -3.88 -23.88
N ASP A 222 -3.75 -2.59 -23.58
CA ASP A 222 -3.92 -1.51 -24.59
C ASP A 222 -2.65 -1.43 -25.45
N ASN A 223 -2.72 -0.63 -26.50
CA ASN A 223 -1.70 -0.60 -27.57
C ASN A 223 -0.37 -0.03 -27.04
N SER A 224 -0.36 0.74 -25.94
CA SER A 224 0.87 1.36 -25.39
C SER A 224 1.85 0.28 -24.92
N HIS A 225 1.38 -0.94 -24.62
CA HIS A 225 2.22 -2.08 -24.15
C HIS A 225 2.80 -2.87 -25.32
N LEU A 226 2.51 -2.48 -26.55
CA LEU A 226 3.00 -3.21 -27.76
C LEU A 226 4.42 -2.75 -28.10
N PRO A 227 5.22 -3.63 -28.74
CA PRO A 227 6.56 -3.26 -29.22
C PRO A 227 6.60 -1.97 -30.05
N THR A 228 5.49 -1.65 -30.74
CA THR A 228 5.38 -0.47 -31.64
C THR A 228 5.44 0.85 -30.85
N HIS A 229 5.32 0.82 -29.52
CA HIS A 229 5.35 2.03 -28.66
C HIS A 229 6.50 1.93 -27.65
N ASN A 230 7.50 1.10 -27.97
CA ASN A 230 8.77 0.95 -27.22
C ASN A 230 9.92 0.92 -28.22
N SER A 231 11.14 1.14 -27.75
CA SER A 231 12.37 1.06 -28.59
C SER A 231 12.52 -0.37 -29.13
N GLY A 232 12.93 -0.50 -30.40
CA GLY A 232 13.06 -1.78 -31.12
C GLY A 232 14.08 -2.71 -30.49
N GLY A 233 15.06 -2.16 -29.77
CA GLY A 233 16.14 -2.94 -29.11
C GLY A 233 15.71 -3.60 -27.80
N ARG A 234 14.47 -3.36 -27.35
CA ARG A 234 13.93 -3.94 -26.09
C ARG A 234 13.67 -5.44 -26.31
N LEU A 235 13.96 -6.26 -25.29
CA LEU A 235 13.91 -7.74 -25.38
C LEU A 235 12.47 -8.19 -25.71
N SER A 236 12.34 -9.09 -26.69
CA SER A 236 11.07 -9.73 -27.14
C SER A 236 10.31 -10.28 -25.93
N ASP A 237 11.04 -10.74 -24.91
CA ASP A 237 10.50 -11.48 -23.73
C ASP A 237 9.83 -10.51 -22.75
N TYR A 238 10.15 -9.21 -22.80
CA TYR A 238 9.44 -8.18 -22.01
C TYR A 238 7.96 -8.24 -22.39
N PHE A 239 7.67 -8.59 -23.65
CA PHE A 239 6.32 -8.52 -24.26
C PHE A 239 5.59 -9.86 -24.19
N ALA A 240 6.23 -10.96 -23.74
CA ALA A 240 5.61 -12.31 -23.68
C ALA A 240 4.33 -12.26 -22.85
N GLY A 241 4.41 -11.71 -21.63
CA GLY A 241 3.28 -11.52 -20.70
C GLY A 241 2.15 -10.71 -21.33
N ILE A 242 2.49 -9.60 -22.00
CA ILE A 242 1.50 -8.71 -22.69
C ILE A 242 0.79 -9.53 -23.78
N VAL A 243 1.55 -10.21 -24.63
CA VAL A 243 0.96 -10.92 -25.81
C VAL A 243 0.04 -12.03 -25.28
N GLU A 244 0.45 -12.74 -24.23
CA GLU A 244 -0.35 -13.80 -23.56
C GLU A 244 -1.68 -13.21 -23.06
N ALA A 245 -1.67 -11.99 -22.52
CA ALA A 245 -2.86 -11.32 -21.96
C ALA A 245 -3.80 -10.84 -23.09
N VAL A 246 -3.25 -10.62 -24.29
CA VAL A 246 -4.03 -10.27 -25.52
C VAL A 246 -4.68 -11.54 -26.08
N GLU A 247 -3.90 -12.61 -26.24
CA GLU A 247 -4.39 -13.86 -26.89
C GLU A 247 -5.38 -14.59 -25.98
N ASN A 248 -5.05 -14.73 -24.69
CA ASN A 248 -5.75 -15.61 -23.73
C ASN A 248 -6.10 -14.85 -22.46
N PRO A 249 -6.95 -13.80 -22.55
CA PRO A 249 -7.31 -13.03 -21.37
C PRO A 249 -8.05 -13.91 -20.35
N ARG A 250 -7.77 -13.71 -19.06
CA ARG A 250 -8.49 -14.36 -17.95
C ARG A 250 -9.90 -13.76 -17.86
N ALA A 251 -10.88 -14.54 -17.40
CA ALA A 251 -12.23 -14.07 -17.04
C ALA A 251 -12.11 -13.21 -15.78
N VAL A 252 -12.49 -11.93 -15.85
CA VAL A 252 -12.35 -10.98 -14.71
C VAL A 252 -13.64 -10.18 -14.55
N SER A 253 -13.81 -9.58 -13.36
CA SER A 253 -14.91 -8.67 -13.03
C SER A 253 -14.53 -7.26 -13.50
N ILE A 254 -15.54 -6.39 -13.60
CA ILE A 254 -15.36 -4.94 -13.85
C ILE A 254 -15.51 -4.19 -12.52
N LEU A 255 -16.39 -4.66 -11.62
CA LEU A 255 -16.60 -4.09 -10.27
C LEU A 255 -16.09 -5.08 -9.21
N ARG A 256 -15.51 -4.55 -8.13
CA ARG A 256 -15.04 -5.34 -6.98
C ARG A 256 -15.14 -4.51 -5.71
N GLY A 257 -15.16 -5.19 -4.57
CA GLY A 257 -15.10 -4.56 -3.24
C GLY A 257 -16.48 -4.39 -2.66
N HIS A 258 -16.68 -3.33 -1.87
CA HIS A 258 -17.95 -3.03 -1.17
C HIS A 258 -18.99 -2.54 -2.18
N ARG A 259 -20.24 -3.01 -2.06
CA ARG A 259 -21.36 -2.58 -2.96
C ARG A 259 -21.58 -1.07 -2.85
N ASP A 260 -21.36 -0.48 -1.67
CA ASP A 260 -21.52 0.97 -1.36
C ASP A 260 -20.39 1.78 -2.02
N ALA A 261 -19.23 1.17 -2.33
CA ALA A 261 -18.04 1.89 -2.86
C ALA A 261 -17.23 0.97 -3.76
N PRO A 262 -17.83 0.40 -4.82
CA PRO A 262 -17.14 -0.57 -5.67
C PRO A 262 -16.03 0.08 -6.50
N GLN A 263 -14.93 -0.64 -6.60
CA GLN A 263 -13.84 -0.28 -7.54
C GLN A 263 -14.27 -0.60 -8.96
N LEU A 264 -13.71 0.14 -9.91
CA LEU A 264 -14.05 0.07 -11.35
C LEU A 264 -12.78 -0.32 -12.11
N CYS A 265 -12.91 -1.27 -13.04
CA CYS A 265 -11.80 -1.71 -13.90
C CYS A 265 -12.35 -2.03 -15.28
N VAL A 266 -12.19 -1.11 -16.23
CA VAL A 266 -12.77 -1.27 -17.59
C VAL A 266 -12.01 -0.38 -18.58
N ASP A 267 -11.97 -0.81 -19.84
CA ASP A 267 -11.29 -0.07 -20.93
C ASP A 267 -12.25 -0.04 -22.12
N SER A 268 -12.53 1.14 -22.66
CA SER A 268 -13.57 1.34 -23.71
C SER A 268 -13.18 0.60 -25.00
N TYR A 269 -11.89 0.39 -25.26
CA TYR A 269 -11.39 -0.19 -26.54
C TYR A 269 -10.94 -1.64 -26.38
N PHE A 270 -10.80 -2.15 -25.14
CA PHE A 270 -10.12 -3.45 -24.89
C PHE A 270 -10.91 -4.35 -23.95
N THR A 271 -12.18 -4.05 -23.67
CA THR A 271 -13.04 -4.87 -22.79
C THR A 271 -14.19 -5.48 -23.60
N THR A 272 -14.42 -6.78 -23.42
CA THR A 272 -15.52 -7.57 -24.02
C THR A 272 -16.12 -8.47 -22.93
N ALA A 273 -17.40 -8.82 -23.05
CA ALA A 273 -18.02 -9.92 -22.27
C ALA A 273 -17.45 -11.24 -22.79
N VAL A 274 -17.38 -12.26 -21.93
CA VAL A 274 -16.94 -13.64 -22.28
C VAL A 274 -17.95 -14.19 -23.30
N ASP A 275 -17.49 -15.04 -24.22
CA ASP A 275 -18.31 -15.64 -25.30
C ASP A 275 -19.59 -16.24 -24.71
N GLY A 276 -20.74 -15.93 -25.33
CA GLY A 276 -22.05 -16.54 -25.02
C GLY A 276 -22.74 -15.92 -23.81
N ASP A 277 -22.10 -14.96 -23.12
CA ASP A 277 -22.68 -14.33 -21.90
C ASP A 277 -23.41 -13.06 -22.34
N ALA A 278 -24.62 -13.22 -22.88
CA ALA A 278 -25.43 -12.14 -23.46
C ALA A 278 -25.77 -11.12 -22.38
N GLU A 279 -26.02 -11.59 -21.15
CA GLU A 279 -26.38 -10.75 -19.99
C GLU A 279 -25.18 -9.84 -19.62
N ALA A 280 -23.97 -10.39 -19.68
CA ALA A 280 -22.69 -9.67 -19.44
C ALA A 280 -22.46 -8.63 -20.55
N ALA A 281 -22.63 -9.03 -21.82
CA ALA A 281 -22.48 -8.15 -23.01
C ALA A 281 -23.45 -6.97 -22.89
N GLY A 282 -24.67 -7.22 -22.38
CA GLY A 282 -25.70 -6.19 -22.15
C GLY A 282 -25.28 -5.23 -21.04
N ALA A 283 -24.79 -5.76 -19.93
CA ALA A 283 -24.34 -4.98 -18.75
C ALA A 283 -23.15 -4.10 -19.15
N LEU A 284 -22.21 -4.65 -19.92
CA LEU A 284 -21.05 -3.90 -20.46
C LEU A 284 -21.56 -2.76 -21.35
N ASP A 285 -22.55 -3.04 -22.20
CA ASP A 285 -23.16 -2.06 -23.14
C ASP A 285 -23.77 -0.91 -22.34
N THR A 286 -24.51 -1.22 -21.28
CA THR A 286 -25.13 -0.24 -20.35
C THR A 286 -24.04 0.61 -19.70
N LEU A 287 -22.96 -0.02 -19.23
CA LEU A 287 -21.86 0.69 -18.51
C LEU A 287 -21.19 1.68 -19.45
N ILE A 288 -20.90 1.27 -20.69
CA ILE A 288 -20.20 2.12 -21.70
C ILE A 288 -21.04 3.38 -21.96
N LYS A 289 -22.36 3.23 -22.11
CA LYS A 289 -23.26 4.39 -22.37
C LYS A 289 -23.32 5.28 -21.13
N HIS A 290 -23.39 4.69 -19.93
CA HIS A 290 -23.35 5.42 -18.63
C HIS A 290 -22.06 6.23 -18.50
N LEU A 291 -20.90 5.60 -18.70
CA LEU A 291 -19.58 6.28 -18.53
C LEU A 291 -19.38 7.30 -19.66
N GLY A 292 -19.69 6.92 -20.90
CA GLY A 292 -19.53 7.77 -22.09
C GLY A 292 -20.25 9.11 -21.95
N GLY A 293 -21.45 9.11 -21.38
CA GLY A 293 -22.27 10.33 -21.21
C GLY A 293 -21.78 11.19 -20.07
N ALA A 294 -21.48 10.58 -18.91
CA ALA A 294 -21.06 11.26 -17.66
C ALA A 294 -19.62 11.74 -17.79
N LEU A 295 -18.86 11.16 -18.71
CA LEU A 295 -17.45 11.54 -18.98
C LEU A 295 -17.31 13.07 -18.97
N TYR A 296 -16.53 13.61 -18.05
CA TYR A 296 -16.42 15.07 -17.83
C TYR A 296 -14.97 15.50 -17.93
N GLU A 297 -14.79 16.81 -18.05
CA GLU A 297 -13.50 17.42 -18.45
C GLU A 297 -12.80 18.05 -17.26
N VAL A 298 -11.49 17.82 -17.19
CA VAL A 298 -10.56 18.50 -16.26
C VAL A 298 -9.44 19.04 -17.15
N VAL A 299 -9.22 20.35 -17.16
CA VAL A 299 -8.12 20.95 -17.96
C VAL A 299 -6.93 21.17 -17.03
N LEU A 300 -5.81 20.51 -17.33
CA LEU A 300 -4.56 20.73 -16.57
C LEU A 300 -3.75 21.80 -17.30
N GLY A 301 -3.66 22.98 -16.68
CA GLY A 301 -2.83 24.09 -17.17
C GLY A 301 -1.38 23.85 -16.79
N PRO A 302 -0.43 24.63 -17.34
CA PRO A 302 0.98 24.47 -17.01
C PRO A 302 1.16 24.64 -15.50
N GLY A 303 1.79 23.65 -14.86
CA GLY A 303 2.05 23.64 -13.41
C GLY A 303 0.95 22.94 -12.62
N ASP A 304 -0.10 22.45 -13.29
CA ASP A 304 -1.20 21.71 -12.62
C ASP A 304 -0.82 20.23 -12.63
N VAL A 305 -0.97 19.56 -11.49
CA VAL A 305 -0.72 18.09 -11.39
C VAL A 305 -2.00 17.44 -10.85
N ALA A 306 -2.47 16.41 -11.53
CA ALA A 306 -3.66 15.65 -11.11
C ALA A 306 -3.22 14.24 -10.72
N PHE A 307 -3.83 13.70 -9.67
CA PHE A 307 -3.77 12.25 -9.37
C PHE A 307 -5.18 11.69 -9.50
N LEU A 308 -5.40 10.90 -10.53
CA LEU A 308 -6.67 10.16 -10.77
C LEU A 308 -6.65 8.91 -9.88
N ASP A 309 -7.74 8.68 -9.15
CA ASP A 309 -7.91 7.42 -8.40
C ASP A 309 -8.31 6.35 -9.40
N ASN A 310 -7.35 5.53 -9.81
CA ASN A 310 -7.51 4.54 -10.89
C ASN A 310 -8.43 3.39 -10.45
N ARG A 311 -8.74 3.30 -9.16
CA ARG A 311 -9.71 2.30 -8.63
C ARG A 311 -11.14 2.80 -8.86
N ASN A 312 -11.31 4.11 -9.02
CA ASN A 312 -12.66 4.75 -9.05
C ASN A 312 -13.03 5.28 -10.44
N VAL A 313 -12.07 5.74 -11.24
CA VAL A 313 -12.40 6.44 -12.52
C VAL A 313 -11.65 5.82 -13.69
N VAL A 314 -12.31 5.88 -14.83
CA VAL A 314 -11.69 5.75 -16.18
C VAL A 314 -11.25 7.15 -16.59
N HIS A 315 -10.26 7.26 -17.47
CA HIS A 315 -9.86 8.59 -18.00
C HIS A 315 -9.42 8.46 -19.45
N GLY A 316 -9.36 9.61 -20.11
CA GLY A 316 -9.04 9.75 -21.53
C GLY A 316 -8.58 11.17 -21.80
N ARG A 317 -8.63 11.59 -23.06
CA ARG A 317 -8.22 12.96 -23.45
C ARG A 317 -9.01 13.36 -24.68
N ARG A 318 -9.48 14.60 -24.68
CA ARG A 318 -10.25 15.17 -25.81
C ARG A 318 -9.37 15.25 -27.04
N PRO A 319 -9.99 15.22 -28.24
CA PRO A 319 -9.25 15.41 -29.48
C PRO A 319 -8.70 16.84 -29.54
N PHE A 320 -7.56 17.02 -30.19
CA PHE A 320 -6.94 18.34 -30.43
C PHE A 320 -6.06 18.27 -31.68
N ARG A 321 -5.79 19.44 -32.25
CA ARG A 321 -4.85 19.62 -33.40
C ARG A 321 -3.48 19.98 -32.86
N ALA A 322 -2.49 19.10 -33.03
CA ALA A 322 -1.09 19.35 -32.68
C ALA A 322 -0.46 20.22 -33.78
N ARG A 323 0.44 21.13 -33.38
CA ARG A 323 1.13 22.07 -34.31
C ARG A 323 2.47 21.48 -34.77
N PHE A 324 3.06 20.56 -33.99
CA PHE A 324 4.38 19.92 -34.25
C PHE A 324 5.44 20.98 -34.55
N ASP A 325 5.51 22.02 -33.73
CA ASP A 325 6.44 23.16 -33.93
C ASP A 325 7.21 23.44 -32.63
N GLY A 326 7.12 22.54 -31.64
CA GLY A 326 7.80 22.66 -30.33
C GLY A 326 6.98 23.42 -29.29
N THR A 327 5.72 23.77 -29.59
CA THR A 327 4.86 24.53 -28.66
C THR A 327 3.75 23.63 -28.11
N ASP A 328 3.76 22.33 -28.46
CA ASP A 328 2.59 21.44 -28.21
C ASP A 328 2.49 21.06 -26.73
N ARG A 329 1.27 20.67 -26.36
CA ARG A 329 0.90 20.09 -25.05
C ARG A 329 1.92 19.04 -24.62
N TRP A 330 2.29 19.06 -23.34
CA TRP A 330 3.32 18.14 -22.79
C TRP A 330 2.97 17.88 -21.33
N LEU A 331 2.68 16.61 -21.00
CA LEU A 331 2.48 16.15 -19.60
C LEU A 331 3.61 15.17 -19.25
N LYS A 332 4.04 15.17 -17.99
CA LYS A 332 4.77 14.03 -17.38
C LYS A 332 3.73 13.13 -16.70
N ARG A 333 3.90 11.81 -16.77
CA ARG A 333 2.93 10.83 -16.22
C ARG A 333 3.66 9.87 -15.28
N ILE A 334 2.95 9.41 -14.26
CA ILE A 334 3.51 8.41 -13.31
C ILE A 334 2.39 7.50 -12.83
N ASN A 335 2.75 6.25 -12.55
CA ASN A 335 1.88 5.25 -11.92
C ASN A 335 2.23 5.17 -10.44
N VAL A 336 1.22 5.11 -9.58
CA VAL A 336 1.42 5.01 -8.11
C VAL A 336 0.68 3.79 -7.59
N THR A 337 1.34 2.97 -6.78
CA THR A 337 0.71 1.86 -6.05
C THR A 337 0.63 2.17 -4.56
N ALA A 338 -0.48 1.82 -3.93
CA ALA A 338 -0.65 1.85 -2.46
C ALA A 338 0.23 0.76 -1.83
N ASP A 339 0.55 -0.29 -2.58
CA ASP A 339 1.20 -1.51 -2.00
C ASP A 339 2.24 -2.03 -2.99
N LEU A 340 3.47 -1.56 -2.88
CA LEU A 340 4.57 -2.00 -3.76
C LEU A 340 4.83 -3.50 -3.52
N ARG A 341 4.79 -3.94 -2.27
CA ARG A 341 5.12 -5.35 -1.90
C ARG A 341 4.28 -6.34 -2.73
N LYS A 342 3.01 -6.03 -3.03
CA LYS A 342 2.09 -7.02 -3.65
C LYS A 342 2.58 -7.42 -5.05
N SER A 343 3.37 -6.59 -5.73
CA SER A 343 3.83 -6.85 -7.12
C SER A 343 5.24 -7.46 -7.14
N ARG A 344 5.79 -7.88 -6.01
CA ARG A 344 7.20 -8.35 -5.93
C ARG A 344 7.44 -9.48 -6.94
N ALA A 345 6.46 -10.36 -7.16
CA ALA A 345 6.56 -11.45 -8.17
C ALA A 345 6.85 -10.91 -9.58
N ALA A 346 6.47 -9.65 -9.88
CA ALA A 346 6.61 -9.04 -11.23
C ALA A 346 7.76 -8.03 -11.26
N ARG A 347 8.56 -7.92 -10.20
CA ARG A 347 9.69 -6.96 -10.14
C ARG A 347 11.00 -7.73 -9.98
N ARG A 348 12.09 -7.16 -10.50
CA ARG A 348 13.43 -7.79 -10.61
C ARG A 348 13.98 -8.09 -9.22
N ASP A 349 13.76 -7.17 -8.27
CA ASP A 349 14.31 -7.22 -6.90
C ASP A 349 13.48 -6.27 -6.04
N ALA A 350 13.79 -6.15 -4.76
CA ALA A 350 12.93 -5.47 -3.77
C ALA A 350 12.68 -4.01 -4.18
N GLN A 351 13.74 -3.30 -4.58
CA GLN A 351 13.68 -1.82 -4.79
C GLN A 351 13.25 -1.51 -6.22
N ALA A 352 13.44 -2.45 -7.15
CA ALA A 352 13.10 -2.26 -8.58
C ALA A 352 11.62 -1.88 -8.70
N ARG A 353 11.32 -0.89 -9.54
CA ARG A 353 9.94 -0.33 -9.65
C ARG A 353 9.31 -0.70 -10.98
N VAL A 354 9.96 -1.53 -11.82
CA VAL A 354 9.49 -1.78 -13.20
C VAL A 354 8.75 -3.13 -13.26
N LEU A 355 7.43 -3.07 -13.41
CA LEU A 355 6.54 -4.25 -13.46
C LEU A 355 6.79 -5.01 -14.77
N GLY A 356 7.03 -6.32 -14.69
CA GLY A 356 7.25 -7.18 -15.86
C GLY A 356 8.73 -7.37 -16.19
N GLU A 357 9.65 -6.96 -15.30
CA GLU A 357 11.08 -7.37 -15.37
C GLU A 357 11.25 -8.75 -14.72
N ALA A 358 10.20 -9.29 -14.07
CA ALA A 358 10.08 -10.72 -13.64
C ALA A 358 8.76 -11.31 -14.13
N HIS B 9 23.15 9.22 22.21
CA HIS B 9 23.47 9.44 20.76
C HIS B 9 22.60 8.54 19.87
N HIS B 10 22.23 9.03 18.69
CA HIS B 10 21.46 8.26 17.67
C HIS B 10 22.37 7.18 17.07
N SER B 11 21.82 5.99 16.83
CA SER B 11 22.49 4.90 16.08
C SER B 11 21.43 4.02 15.42
N SER B 12 21.79 3.36 14.33
CA SER B 12 20.95 2.37 13.64
C SER B 12 21.85 1.25 13.13
N GLY B 13 21.31 0.05 12.99
CA GLY B 13 22.10 -1.07 12.45
C GLY B 13 21.27 -2.28 12.12
N LEU B 14 21.90 -3.18 11.37
CA LEU B 14 21.31 -4.44 10.88
C LEU B 14 21.80 -5.55 11.81
N VAL B 15 20.87 -6.31 12.38
CA VAL B 15 21.20 -7.43 13.31
C VAL B 15 20.73 -8.71 12.62
N PRO B 16 21.65 -9.62 12.23
CA PRO B 16 21.26 -10.83 11.51
C PRO B 16 20.70 -11.91 12.45
N ARG B 17 19.84 -12.78 11.90
CA ARG B 17 19.40 -14.06 12.52
C ARG B 17 19.52 -15.13 11.43
N GLY B 18 20.24 -16.23 11.70
CA GLY B 18 20.64 -17.21 10.67
C GLY B 18 21.23 -16.52 9.45
N SER B 19 20.68 -16.79 8.26
CA SER B 19 21.12 -16.22 6.95
C SER B 19 20.34 -14.95 6.61
N HIS B 20 19.43 -14.50 7.49
CA HIS B 20 18.63 -13.26 7.31
C HIS B 20 19.48 -12.08 7.79
N MET B 21 20.15 -11.39 6.86
CA MET B 21 21.20 -10.38 7.17
C MET B 21 20.56 -9.07 7.68
N THR B 22 19.33 -8.79 7.26
CA THR B 22 18.56 -7.59 7.70
C THR B 22 17.33 -8.06 8.49
N ALA B 23 17.39 -9.26 9.10
CA ALA B 23 16.27 -9.79 9.90
C ALA B 23 15.77 -8.65 10.79
N ILE B 24 16.64 -8.10 11.62
CA ILE B 24 16.28 -7.04 12.61
C ILE B 24 16.93 -5.73 12.16
N ARG B 25 16.12 -4.70 11.96
CA ARG B 25 16.62 -3.32 11.75
C ARG B 25 16.41 -2.58 13.05
N GLU B 26 17.50 -2.19 13.70
CA GLU B 26 17.44 -1.54 15.03
C GLU B 26 17.80 -0.06 14.89
N ILE B 27 17.02 0.79 15.54
CA ILE B 27 17.23 2.26 15.64
C ILE B 27 17.32 2.55 17.14
N ARG B 28 18.36 3.25 17.58
CA ARG B 28 18.42 3.77 18.96
C ARG B 28 18.20 5.28 18.89
N LEU B 29 17.12 5.77 19.50
CA LEU B 29 16.84 7.22 19.56
C LEU B 29 17.91 7.91 20.43
N SER B 30 18.35 9.08 19.99
CA SER B 30 19.09 10.04 20.85
C SER B 30 18.12 10.60 21.88
N GLU B 31 18.62 11.20 22.95
CA GLU B 31 17.71 11.83 23.94
C GLU B 31 16.89 12.92 23.25
N PRO B 32 17.45 13.82 22.42
CA PRO B 32 16.62 14.80 21.70
C PRO B 32 15.53 14.17 20.81
N GLU B 33 15.84 13.06 20.14
CA GLU B 33 14.86 12.34 19.29
C GLU B 33 13.74 11.78 20.16
N SER B 34 14.10 11.17 21.30
CA SER B 34 13.11 10.62 22.27
C SER B 34 12.20 11.77 22.74
N ALA B 35 12.77 12.92 23.09
CA ALA B 35 12.02 14.10 23.59
C ALA B 35 11.10 14.63 22.48
N GLN B 36 11.60 14.72 21.26
CA GLN B 36 10.83 15.23 20.08
C GLN B 36 9.60 14.33 19.88
N ALA B 37 9.80 13.01 19.88
CA ALA B 37 8.71 12.04 19.66
C ALA B 37 7.69 12.15 20.79
N ALA B 38 8.14 12.30 22.04
CA ALA B 38 7.28 12.39 23.23
C ALA B 38 6.46 13.69 23.14
N LEU B 39 7.11 14.80 22.81
CA LEU B 39 6.43 16.12 22.66
C LEU B 39 5.31 16.01 21.62
N LEU B 40 5.58 15.39 20.46
CA LEU B 40 4.59 15.22 19.37
C LEU B 40 3.40 14.40 19.88
N ALA B 41 3.66 13.28 20.53
CA ALA B 41 2.63 12.40 21.11
C ALA B 41 1.77 13.19 22.12
N LEU B 42 2.40 13.96 22.99
CA LEU B 42 1.70 14.75 24.05
C LEU B 42 0.85 15.83 23.40
N GLU B 43 1.36 16.51 22.37
CA GLU B 43 0.59 17.52 21.59
C GLU B 43 -0.63 16.85 20.95
N CYS B 44 -0.47 15.65 20.37
CA CYS B 44 -1.61 14.89 19.77
C CYS B 44 -2.64 14.58 20.84
N ALA B 45 -2.20 14.19 22.04
CA ALA B 45 -3.09 13.78 23.17
C ALA B 45 -3.88 15.00 23.66
N GLN B 46 -3.33 16.22 23.48
CA GLN B 46 -3.98 17.50 23.85
C GLN B 46 -5.02 17.92 22.79
N ARG B 47 -4.86 17.52 21.53
CA ARG B 47 -5.62 18.09 20.38
C ARG B 47 -6.66 17.10 19.85
N TYR B 48 -6.52 15.80 20.13
CA TYR B 48 -7.42 14.75 19.59
C TYR B 48 -7.98 13.92 20.75
N ALA B 49 -9.18 13.39 20.55
CA ALA B 49 -9.94 12.58 21.51
C ALA B 49 -9.12 11.35 21.90
N GLU B 50 -8.82 10.50 20.93
CA GLU B 50 -8.29 9.14 21.18
C GLU B 50 -7.19 8.80 20.18
N PRO B 51 -6.27 7.87 20.52
CA PRO B 51 -5.28 7.40 19.57
C PRO B 51 -5.88 6.76 18.31
N ASP B 52 -7.16 6.35 18.34
CA ASP B 52 -7.80 5.77 17.13
C ASP B 52 -9.16 6.42 16.88
N SER B 53 -9.37 7.65 17.31
CA SER B 53 -10.59 8.40 16.91
C SER B 53 -10.42 8.90 15.48
N ALA B 54 -11.53 9.09 14.77
CA ALA B 54 -11.55 9.44 13.33
C ALA B 54 -10.74 10.71 13.06
N ASP B 55 -10.89 11.72 13.93
CA ASP B 55 -10.23 13.05 13.81
C ASP B 55 -8.71 12.86 13.78
N PHE B 56 -8.18 12.01 14.66
CA PHE B 56 -6.71 11.79 14.73
C PHE B 56 -6.27 10.96 13.53
N LEU B 57 -6.99 9.89 13.20
CA LEU B 57 -6.55 8.94 12.15
C LEU B 57 -6.57 9.63 10.79
N ALA B 58 -7.47 10.58 10.56
CA ALA B 58 -7.49 11.38 9.33
C ALA B 58 -6.17 12.14 9.17
N ASP B 59 -5.54 12.52 10.28
CA ASP B 59 -4.32 13.37 10.29
C ASP B 59 -3.06 12.55 10.58
N ALA B 60 -3.18 11.28 10.99
CA ALA B 60 -2.08 10.52 11.60
C ALA B 60 -0.88 10.44 10.64
N ALA B 61 -1.11 10.19 9.35
CA ALA B 61 -0.01 9.98 8.38
C ALA B 61 0.75 11.29 8.17
N VAL B 62 0.11 12.45 8.30
CA VAL B 62 0.79 13.77 8.17
C VAL B 62 1.54 14.07 9.46
N LEU B 63 0.91 13.89 10.62
CA LEU B 63 1.58 14.13 11.92
C LEU B 63 2.78 13.19 12.07
N ALA B 64 2.72 11.97 11.56
CA ALA B 64 3.86 11.01 11.66
C ALA B 64 5.12 11.63 11.02
N HIS B 65 4.97 12.46 9.99
CA HIS B 65 6.09 13.13 9.26
C HIS B 65 6.81 14.15 10.16
N ASP B 66 6.25 14.47 11.33
CA ASP B 66 6.88 15.41 12.30
C ASP B 66 7.81 14.63 13.23
N LEU B 67 7.85 13.30 13.14
CA LEU B 67 8.84 12.50 13.90
C LEU B 67 10.24 12.85 13.39
N PRO B 68 11.28 12.57 14.20
CA PRO B 68 12.65 12.88 13.82
C PRO B 68 13.05 12.32 12.45
N ARG B 69 13.63 13.18 11.62
CA ARG B 69 13.95 12.89 10.20
C ARG B 69 14.86 11.65 10.11
N ALA B 70 15.88 11.57 10.96
CA ALA B 70 16.87 10.46 10.92
C ALA B 70 16.13 9.14 11.14
N VAL B 71 15.17 9.15 12.06
CA VAL B 71 14.33 7.97 12.38
C VAL B 71 13.43 7.65 11.17
N ARG B 72 12.79 8.65 10.58
CA ARG B 72 11.88 8.47 9.41
C ARG B 72 12.68 7.83 8.26
N ARG B 73 13.94 8.22 8.06
CA ARG B 73 14.75 7.65 6.96
C ARG B 73 14.94 6.14 7.22
N GLU B 74 15.21 5.77 8.47
CA GLU B 74 15.51 4.37 8.83
C GLU B 74 14.22 3.55 8.76
N VAL B 75 13.10 4.14 9.16
CA VAL B 75 11.79 3.41 9.13
C VAL B 75 11.40 3.17 7.68
N GLU B 76 11.63 4.16 6.81
CA GLU B 76 11.32 4.05 5.37
C GLU B 76 12.18 2.94 4.75
N ARG B 77 13.45 2.81 5.11
CA ARG B 77 14.30 1.71 4.60
C ARG B 77 13.69 0.36 5.03
N ALA B 78 13.21 0.27 6.26
CA ALA B 78 12.58 -0.98 6.76
C ALA B 78 11.31 -1.28 5.97
N ARG B 79 10.51 -0.25 5.68
CA ARG B 79 9.20 -0.40 5.02
C ARG B 79 9.37 -1.07 3.65
N LEU B 80 10.43 -0.76 2.92
CA LEU B 80 10.63 -1.30 1.55
C LEU B 80 11.57 -2.52 1.58
N ASP B 81 11.98 -2.98 2.76
CA ASP B 81 12.87 -4.17 2.86
C ASP B 81 11.97 -5.42 2.91
N ASP B 82 11.83 -6.12 1.78
CA ASP B 82 10.88 -7.25 1.67
C ASP B 82 11.45 -8.51 2.32
N ARG B 83 12.61 -8.42 3.00
CA ARG B 83 13.15 -9.55 3.80
C ARG B 83 13.17 -9.19 5.29
N LEU B 84 12.61 -8.03 5.67
CA LEU B 84 12.56 -7.59 7.08
C LEU B 84 11.84 -8.65 7.93
N HIS B 85 12.35 -8.94 9.12
CA HIS B 85 11.60 -9.65 10.18
C HIS B 85 10.98 -8.63 11.13
N ALA B 86 11.81 -7.78 11.73
CA ALA B 86 11.36 -6.82 12.77
C ALA B 86 12.15 -5.52 12.64
N LEU B 87 11.43 -4.41 12.60
CA LEU B 87 11.98 -3.05 12.86
C LEU B 87 11.84 -2.79 14.36
N VAL B 88 12.92 -2.39 15.02
CA VAL B 88 12.88 -2.12 16.46
C VAL B 88 13.41 -0.71 16.70
N VAL B 89 12.59 0.14 17.30
CA VAL B 89 12.98 1.53 17.67
C VAL B 89 13.11 1.54 19.18
N ARG B 90 14.32 1.70 19.70
CA ARG B 90 14.58 1.67 21.16
C ARG B 90 14.77 3.08 21.71
N GLY B 91 14.33 3.31 22.95
CA GLY B 91 14.71 4.50 23.72
C GLY B 91 13.65 5.58 23.75
N ASN B 92 12.38 5.27 23.53
CA ASN B 92 11.30 6.25 23.77
C ASN B 92 11.13 6.51 25.26
N ASP B 93 10.73 7.72 25.60
CA ASP B 93 10.46 8.14 27.00
C ASP B 93 9.21 7.42 27.52
N VAL B 94 9.32 6.74 28.65
CA VAL B 94 8.14 6.23 29.41
C VAL B 94 8.34 6.63 30.86
N ASP B 95 7.45 7.47 31.36
CA ASP B 95 7.43 7.92 32.77
C ASP B 95 6.68 6.86 33.58
N GLN B 96 7.40 5.97 34.24
CA GLN B 96 6.81 4.79 34.94
C GLN B 96 5.90 5.28 36.08
N ASP B 97 6.37 6.27 36.85
CA ASP B 97 5.63 6.83 38.00
C ASP B 97 4.26 7.35 37.54
N ALA B 98 4.24 8.15 36.46
CA ALA B 98 3.02 8.80 35.92
C ALA B 98 2.11 7.77 35.27
N LEU B 99 2.67 6.69 34.71
CA LEU B 99 1.90 5.64 34.00
C LEU B 99 1.01 4.91 35.01
N GLY B 100 1.50 4.69 36.23
CA GLY B 100 0.78 3.94 37.27
C GLY B 100 0.82 2.43 37.01
N PRO B 101 0.01 1.65 37.75
CA PRO B 101 0.05 0.19 37.69
C PRO B 101 -0.45 -0.38 36.35
N THR B 102 0.05 -1.57 36.01
CA THR B 102 -0.47 -2.40 34.90
C THR B 102 -1.89 -2.80 35.23
N PRO B 103 -2.87 -2.45 34.37
CA PRO B 103 -4.26 -2.86 34.62
C PRO B 103 -4.44 -4.37 34.61
N PRO B 104 -5.44 -4.87 35.37
CA PRO B 104 -5.70 -6.31 35.45
C PRO B 104 -6.40 -6.96 34.25
N HIS B 105 -6.87 -6.15 33.29
CA HIS B 105 -7.62 -6.63 32.11
C HIS B 105 -7.51 -5.57 31.03
N TRP B 106 -7.54 -5.97 29.76
CA TRP B 106 -7.53 -4.98 28.64
C TRP B 106 -8.76 -4.08 28.75
N ARG B 107 -9.86 -4.56 29.33
CA ARG B 107 -11.10 -3.76 29.44
C ARG B 107 -10.86 -2.54 30.33
N GLN B 108 -9.81 -2.56 31.15
CA GLN B 108 -9.46 -1.46 32.09
C GLN B 108 -8.17 -0.77 31.67
N ALA B 109 -7.69 -1.02 30.45
CA ALA B 109 -6.30 -0.68 30.04
C ALA B 109 -6.26 0.57 29.14
N ARG B 110 -7.39 1.09 28.67
CA ARG B 110 -7.36 2.34 27.88
C ARG B 110 -7.40 3.50 28.88
N THR B 111 -6.29 3.73 29.57
CA THR B 111 -6.16 4.67 30.70
C THR B 111 -5.76 6.05 30.19
N ALA B 112 -6.12 7.09 30.92
CA ALA B 112 -5.67 8.47 30.63
C ALA B 112 -4.15 8.55 30.65
N ALA B 113 -3.51 7.90 31.62
CA ALA B 113 -2.04 7.98 31.85
C ALA B 113 -1.30 7.33 30.68
N SER B 114 -1.90 6.35 30.01
CA SER B 114 -1.21 5.57 28.93
C SER B 114 -1.58 6.11 27.54
N ARG B 115 -2.47 7.10 27.43
CA ARG B 115 -2.96 7.60 26.11
C ARG B 115 -1.76 8.03 25.25
N ARG B 116 -0.82 8.76 25.84
CA ARG B 116 0.34 9.33 25.10
C ARG B 116 1.12 8.22 24.38
N TYR B 117 1.16 7.00 24.93
CA TYR B 117 1.89 5.86 24.32
C TYR B 117 1.07 5.26 23.18
N GLY B 118 -0.26 5.24 23.31
CA GLY B 118 -1.16 4.90 22.19
C GLY B 118 -0.95 5.85 21.02
N PHE B 119 -0.95 7.15 21.28
CA PHE B 119 -0.73 8.19 20.23
C PHE B 119 0.63 7.92 19.58
N LEU B 120 1.68 7.70 20.36
CA LEU B 120 3.05 7.53 19.79
C LEU B 120 3.11 6.25 18.96
N LEU B 121 2.51 5.16 19.42
CA LEU B 121 2.47 3.91 18.62
C LEU B 121 1.81 4.17 17.27
N VAL B 122 0.69 4.89 17.24
CA VAL B 122 -0.02 5.18 15.97
C VAL B 122 0.86 6.05 15.08
N LEU B 123 1.57 7.03 15.64
CA LEU B 123 2.46 7.91 14.85
C LEU B 123 3.57 7.08 14.18
N TYR B 124 4.27 6.24 14.92
CA TYR B 124 5.31 5.35 14.31
C TYR B 124 4.65 4.43 13.27
N ALA B 125 3.51 3.84 13.60
CA ALA B 125 2.84 2.85 12.72
C ALA B 125 2.46 3.51 11.39
N SER B 126 2.05 4.79 11.43
CA SER B 126 1.53 5.52 10.26
C SER B 126 2.66 5.88 9.29
N LEU B 127 3.93 5.69 9.69
CA LEU B 127 5.07 5.75 8.73
C LEU B 127 5.07 4.51 7.84
N LEU B 128 4.50 3.38 8.31
CA LEU B 128 4.60 2.08 7.60
C LEU B 128 3.32 1.80 6.79
N GLY B 129 2.20 2.42 7.14
CA GLY B 129 0.91 2.08 6.54
C GLY B 129 -0.21 2.68 7.32
N ASP B 130 -1.41 2.13 7.17
CA ASP B 130 -2.63 2.65 7.84
C ASP B 130 -3.04 1.66 8.92
N VAL B 131 -3.41 2.19 10.09
CA VAL B 131 -3.72 1.32 11.26
C VAL B 131 -5.14 0.77 11.14
N VAL B 132 -5.32 -0.49 11.53
CA VAL B 132 -6.61 -1.21 11.49
C VAL B 132 -6.78 -2.01 12.78
N GLY B 133 -8.03 -2.34 13.08
CA GLY B 133 -8.39 -3.27 14.15
C GLY B 133 -9.36 -4.32 13.64
N TRP B 134 -9.84 -5.15 14.56
CA TRP B 134 -10.69 -6.33 14.27
C TRP B 134 -11.90 -6.27 15.20
N ALA B 135 -13.11 -6.39 14.64
CA ALA B 135 -14.36 -6.26 15.42
C ALA B 135 -14.38 -7.27 16.57
N THR B 136 -13.80 -8.46 16.39
CA THR B 136 -13.87 -9.56 17.40
C THR B 136 -12.73 -9.44 18.42
N GLN B 137 -11.83 -8.46 18.32
CA GLN B 137 -10.64 -8.36 19.18
C GLN B 137 -10.68 -7.08 20.00
N GLN B 138 -10.74 -7.23 21.33
CA GLN B 138 -10.74 -6.10 22.29
C GLN B 138 -11.69 -4.99 21.80
N ASP B 139 -12.94 -5.38 21.50
CA ASP B 139 -14.08 -4.48 21.18
C ASP B 139 -13.75 -3.60 19.96
N GLY B 140 -12.92 -4.09 19.02
CA GLY B 140 -12.62 -3.38 17.76
C GLY B 140 -11.68 -2.21 17.97
N ARG B 141 -11.02 -2.13 19.13
CA ARG B 141 -9.97 -1.12 19.38
C ARG B 141 -8.85 -1.29 18.36
N VAL B 142 -8.32 -0.17 17.86
CA VAL B 142 -7.14 -0.23 16.95
C VAL B 142 -5.89 -0.34 17.83
N VAL B 143 -5.74 0.53 18.83
CA VAL B 143 -4.66 0.41 19.84
C VAL B 143 -5.16 -0.56 20.91
N THR B 144 -4.60 -1.76 20.93
CA THR B 144 -4.99 -2.81 21.90
C THR B 144 -3.91 -2.94 22.99
N ASP B 145 -4.21 -3.77 23.99
CA ASP B 145 -3.37 -3.91 25.21
C ASP B 145 -2.97 -5.38 25.38
N VAL B 146 -1.68 -5.60 25.56
CA VAL B 146 -1.10 -6.94 25.84
C VAL B 146 -0.63 -6.94 27.28
N LEU B 147 -1.33 -7.66 28.15
CA LEU B 147 -0.98 -7.74 29.58
C LEU B 147 -1.55 -9.04 30.11
N PRO B 148 -0.93 -9.63 31.15
CA PRO B 148 -1.39 -10.92 31.66
C PRO B 148 -2.71 -10.76 32.43
N ILE B 149 -3.67 -11.64 32.15
CA ILE B 149 -4.99 -11.65 32.84
C ILE B 149 -5.08 -12.94 33.67
N GLU B 150 -5.41 -12.78 34.95
CA GLU B 150 -5.67 -13.90 35.90
C GLU B 150 -6.83 -14.74 35.34
N GLY B 151 -6.60 -16.04 35.12
CA GLY B 151 -7.58 -16.97 34.53
C GLY B 151 -7.27 -17.30 33.08
N GLN B 152 -6.40 -16.52 32.43
CA GLN B 152 -6.06 -16.66 30.99
C GLN B 152 -4.63 -17.18 30.82
N GLU B 153 -4.01 -17.66 31.91
CA GLU B 153 -2.56 -18.03 31.96
C GLU B 153 -2.26 -19.10 30.90
N ASP B 154 -3.16 -20.06 30.72
CA ASP B 154 -2.92 -21.32 29.95
C ASP B 154 -3.59 -21.25 28.58
N SER B 155 -4.16 -20.11 28.19
CA SER B 155 -4.89 -19.92 26.91
C SER B 155 -3.91 -19.47 25.81
N GLN B 156 -4.35 -19.55 24.54
CA GLN B 156 -3.58 -19.17 23.33
C GLN B 156 -4.02 -17.78 22.86
N VAL B 157 -3.91 -16.81 23.77
CA VAL B 157 -4.28 -15.37 23.57
C VAL B 157 -3.14 -14.51 24.13
N GLY B 158 -3.09 -13.23 23.73
CA GLY B 158 -2.06 -12.25 24.15
C GLY B 158 -2.02 -12.04 25.67
N SER B 159 -3.12 -12.33 26.38
CA SER B 159 -3.26 -12.12 27.85
C SER B 159 -2.77 -13.35 28.62
N SER B 160 -2.22 -14.36 27.94
CA SER B 160 -1.66 -15.59 28.57
C SER B 160 -0.35 -15.25 29.28
N SER B 161 0.24 -16.24 29.97
CA SER B 161 1.52 -16.07 30.71
C SER B 161 2.24 -17.41 30.84
N SER B 162 1.72 -18.34 31.64
CA SER B 162 2.40 -19.58 32.08
C SER B 162 2.69 -20.50 30.89
N VAL B 163 1.84 -20.45 29.87
CA VAL B 163 1.91 -21.33 28.67
C VAL B 163 2.36 -20.49 27.47
N GLU B 164 3.33 -21.02 26.71
CA GLU B 164 3.88 -20.38 25.49
C GLU B 164 2.72 -20.05 24.55
N LEU B 165 2.64 -18.78 24.13
CA LEU B 165 1.76 -18.36 23.00
C LEU B 165 2.37 -18.92 21.71
N GLY B 166 1.72 -19.94 21.14
CA GLY B 166 2.18 -20.64 19.93
C GLY B 166 2.34 -19.67 18.80
N TRP B 167 3.38 -19.84 18.00
CA TRP B 167 3.71 -18.90 16.90
C TRP B 167 2.69 -19.02 15.77
N HIS B 168 2.42 -17.89 15.11
CA HIS B 168 1.47 -17.82 13.96
C HIS B 168 1.70 -16.51 13.23
N THR B 169 1.36 -16.50 11.96
CA THR B 169 1.04 -15.27 11.21
C THR B 169 -0.18 -14.63 11.89
N GLU B 170 -0.19 -13.31 12.13
CA GLU B 170 -1.36 -12.63 12.73
C GLU B 170 -2.56 -12.76 11.77
N ASP B 171 -3.69 -13.24 12.27
CA ASP B 171 -4.96 -13.38 11.50
C ASP B 171 -4.72 -14.15 10.20
N ALA B 172 -4.04 -15.29 10.28
CA ALA B 172 -3.50 -16.04 9.13
C ALA B 172 -4.61 -16.42 8.15
N PHE B 173 -5.81 -16.72 8.65
CA PHE B 173 -6.95 -17.19 7.82
C PHE B 173 -7.43 -16.08 6.87
N SER B 174 -7.17 -14.81 7.19
CA SER B 174 -7.90 -13.65 6.60
C SER B 174 -7.13 -13.06 5.43
N PRO B 175 -7.82 -12.73 4.30
CA PRO B 175 -7.21 -11.95 3.23
C PRO B 175 -6.88 -10.52 3.68
N TYR B 176 -7.43 -10.06 4.80
CA TYR B 176 -7.23 -8.67 5.31
C TYR B 176 -6.21 -8.66 6.45
N ARG B 177 -5.50 -9.75 6.66
CA ARG B 177 -4.46 -9.83 7.73
C ARG B 177 -3.48 -8.68 7.54
N ALA B 178 -2.96 -8.18 8.65
CA ALA B 178 -2.04 -7.02 8.69
C ALA B 178 -0.74 -7.31 7.93
N ASP B 179 -0.12 -6.23 7.44
CA ASP B 179 1.26 -6.25 6.90
C ASP B 179 2.27 -6.11 8.05
N TYR B 180 1.95 -5.33 9.09
CA TYR B 180 2.83 -5.20 10.27
C TYR B 180 2.00 -5.38 11.54
N VAL B 181 2.61 -6.02 12.53
CA VAL B 181 2.13 -5.99 13.93
C VAL B 181 3.10 -5.11 14.71
N GLY B 182 2.56 -4.07 15.33
CA GLY B 182 3.32 -3.12 16.15
C GLY B 182 3.14 -3.39 17.64
N LEU B 183 4.23 -3.33 18.39
CA LEU B 183 4.24 -3.56 19.85
C LEU B 183 5.03 -2.43 20.49
N PHE B 184 4.41 -1.67 21.38
CA PHE B 184 5.07 -0.60 22.16
C PHE B 184 5.14 -1.06 23.61
N SER B 185 6.35 -1.33 24.10
CA SER B 185 6.54 -1.82 25.49
C SER B 185 6.45 -0.65 26.46
N LEU B 186 5.50 -0.70 27.41
CA LEU B 186 5.39 0.30 28.50
C LEU B 186 6.21 -0.15 29.71
N ARG B 187 6.19 -1.44 29.99
CA ARG B 187 7.04 -2.01 31.05
C ARG B 187 7.19 -3.51 30.79
N ASN B 188 8.35 -4.02 31.15
CA ASN B 188 8.74 -5.42 30.87
C ASN B 188 9.85 -5.76 31.86
N PRO B 189 9.55 -5.73 33.17
CA PRO B 189 10.61 -5.80 34.19
C PRO B 189 11.44 -7.09 34.08
N ASP B 190 10.84 -8.20 33.64
CA ASP B 190 11.52 -9.52 33.59
C ASP B 190 11.96 -9.85 32.16
N SER B 191 11.99 -8.87 31.26
CA SER B 191 12.62 -9.03 29.92
C SER B 191 12.01 -10.22 29.18
N VAL B 192 10.68 -10.27 29.15
CA VAL B 192 9.91 -11.36 28.47
C VAL B 192 9.89 -11.08 26.97
N ALA B 193 10.08 -12.13 26.17
CA ALA B 193 10.35 -12.02 24.72
C ALA B 193 9.09 -12.31 23.91
N THR B 194 8.92 -11.56 22.82
CA THR B 194 8.16 -11.98 21.63
C THR B 194 9.00 -13.00 20.89
N THR B 195 8.43 -14.11 20.45
CA THR B 195 9.13 -15.09 19.59
C THR B 195 8.88 -14.74 18.13
N VAL B 196 9.87 -14.99 17.28
CA VAL B 196 9.81 -14.61 15.84
C VAL B 196 10.48 -15.72 15.03
N ALA B 197 9.92 -16.08 13.88
CA ALA B 197 10.59 -16.97 12.91
C ALA B 197 10.16 -16.63 11.49
N GLY B 198 11.12 -16.69 10.58
CA GLY B 198 10.90 -16.61 9.13
C GLY B 198 11.37 -17.89 8.48
N LEU B 199 10.99 -18.09 7.22
CA LEU B 199 11.46 -19.24 6.41
C LEU B 199 12.80 -18.87 5.77
N ASP B 200 13.82 -19.70 5.98
CA ASP B 200 15.06 -19.67 5.18
C ASP B 200 14.92 -20.76 4.12
N PRO B 201 14.57 -20.39 2.86
CA PRO B 201 14.29 -21.38 1.80
C PRO B 201 15.51 -22.25 1.48
N ASP B 202 16.72 -21.77 1.82
CA ASP B 202 18.01 -22.47 1.61
C ASP B 202 18.22 -23.55 2.69
N LEU B 203 17.36 -23.63 3.72
CA LEU B 203 17.43 -24.71 4.75
C LEU B 203 16.33 -25.74 4.50
N VAL B 204 15.49 -25.55 3.48
CA VAL B 204 14.31 -26.44 3.22
C VAL B 204 14.44 -27.02 1.80
N GLY B 205 14.07 -28.29 1.65
CA GLY B 205 14.01 -28.98 0.34
C GLY B 205 13.19 -28.18 -0.66
N PRO B 206 13.77 -27.78 -1.83
CA PRO B 206 13.03 -27.09 -2.88
C PRO B 206 11.66 -27.70 -3.23
N ALA B 207 11.54 -29.03 -3.16
CA ALA B 207 10.29 -29.77 -3.43
C ALA B 207 9.24 -29.40 -2.37
N VAL B 208 9.64 -29.30 -1.10
CA VAL B 208 8.75 -28.88 0.02
C VAL B 208 8.32 -27.43 -0.26
N VAL B 209 9.26 -26.56 -0.65
CA VAL B 209 8.95 -25.13 -0.95
C VAL B 209 7.91 -25.09 -2.08
N ASP B 210 8.13 -25.86 -3.16
CA ASP B 210 7.18 -25.97 -4.30
C ASP B 210 5.79 -26.34 -3.79
N VAL B 211 5.69 -27.29 -2.85
CA VAL B 211 4.38 -27.77 -2.33
C VAL B 211 3.70 -26.62 -1.57
N LEU B 212 4.48 -25.90 -0.75
CA LEU B 212 3.93 -24.82 0.12
C LEU B 212 3.39 -23.67 -0.73
N PHE B 213 3.85 -23.52 -1.98
CA PHE B 213 3.35 -22.50 -2.94
C PHE B 213 2.01 -22.93 -3.56
N GLY B 214 1.67 -24.22 -3.44
CA GLY B 214 0.39 -24.76 -3.94
C GLY B 214 -0.79 -24.38 -3.08
N GLU B 215 -1.97 -24.21 -3.68
CA GLU B 215 -3.21 -23.95 -2.93
C GLU B 215 -3.73 -25.29 -2.42
N ARG B 216 -3.08 -25.81 -1.36
CA ARG B 216 -3.20 -27.22 -0.91
C ARG B 216 -3.42 -27.26 0.61
N PHE B 217 -3.80 -26.13 1.21
CA PHE B 217 -3.91 -26.00 2.69
C PHE B 217 -5.20 -25.30 3.07
N HIS B 218 -5.61 -25.54 4.31
CA HIS B 218 -6.74 -24.86 5.00
C HIS B 218 -6.15 -24.11 6.19
N ILE B 219 -6.33 -22.80 6.21
CA ILE B 219 -6.02 -21.97 7.41
C ILE B 219 -7.36 -21.49 7.96
N ARG B 220 -7.76 -22.03 9.11
CA ARG B 220 -9.06 -21.76 9.75
C ARG B 220 -8.87 -20.58 10.71
N PRO B 221 -9.93 -19.78 10.94
CA PRO B 221 -9.87 -18.72 11.94
C PRO B 221 -9.53 -19.27 13.32
N ASP B 222 -8.64 -18.61 14.06
CA ASP B 222 -8.38 -18.90 15.50
C ASP B 222 -9.63 -18.43 16.26
N ASN B 223 -9.72 -18.73 17.57
CA ASN B 223 -10.95 -18.52 18.36
C ASN B 223 -11.18 -17.02 18.57
N SER B 224 -10.11 -16.22 18.52
CA SER B 224 -10.14 -14.73 18.62
C SER B 224 -11.06 -14.13 17.53
N HIS B 225 -11.57 -14.97 16.61
CA HIS B 225 -12.62 -14.65 15.62
C HIS B 225 -13.87 -15.48 15.94
N SER B 236 -25.27 -11.12 8.82
CA SER B 236 -23.93 -10.51 8.73
C SER B 236 -23.16 -11.09 7.52
N ASP B 237 -22.94 -10.28 6.48
CA ASP B 237 -22.22 -10.68 5.24
C ASP B 237 -20.78 -11.10 5.58
N TYR B 238 -20.11 -10.37 6.48
CA TYR B 238 -18.71 -10.63 6.91
C TYR B 238 -18.66 -11.93 7.73
N PHE B 239 -19.45 -12.04 8.80
CA PHE B 239 -19.43 -13.16 9.79
C PHE B 239 -20.03 -14.44 9.19
N ALA B 240 -20.73 -14.33 8.05
CA ALA B 240 -21.14 -15.47 7.20
C ALA B 240 -19.89 -16.13 6.61
N GLY B 241 -18.95 -15.31 6.12
CA GLY B 241 -17.64 -15.74 5.58
C GLY B 241 -16.73 -16.35 6.63
N ILE B 242 -16.91 -16.00 7.91
CA ILE B 242 -16.11 -16.52 9.06
C ILE B 242 -16.56 -17.96 9.37
N VAL B 243 -17.88 -18.22 9.37
CA VAL B 243 -18.46 -19.58 9.61
C VAL B 243 -18.09 -20.48 8.42
N GLU B 244 -18.16 -19.95 7.19
CA GLU B 244 -17.76 -20.64 5.93
C GLU B 244 -16.26 -20.99 5.97
N ALA B 245 -15.43 -20.09 6.52
CA ALA B 245 -13.95 -20.24 6.62
C ALA B 245 -13.60 -21.42 7.54
N VAL B 246 -14.45 -21.70 8.54
CA VAL B 246 -14.29 -22.82 9.51
C VAL B 246 -14.77 -24.12 8.85
N GLU B 247 -15.96 -24.12 8.25
CA GLU B 247 -16.68 -25.34 7.80
C GLU B 247 -16.30 -25.72 6.37
N ASN B 248 -16.16 -24.74 5.47
CA ASN B 248 -15.82 -24.97 4.04
C ASN B 248 -14.61 -24.14 3.65
N PRO B 249 -13.45 -24.30 4.34
CA PRO B 249 -12.28 -23.45 4.11
C PRO B 249 -11.85 -23.49 2.64
N ARG B 250 -11.48 -22.33 2.09
CA ARG B 250 -10.86 -22.25 0.74
C ARG B 250 -9.50 -22.94 0.80
N ALA B 251 -9.11 -23.58 -0.30
CA ALA B 251 -7.75 -24.11 -0.51
C ALA B 251 -6.82 -22.92 -0.75
N VAL B 252 -5.85 -22.72 0.16
CA VAL B 252 -4.90 -21.56 0.09
C VAL B 252 -3.47 -22.09 0.10
N SER B 253 -2.53 -21.27 -0.36
CA SER B 253 -1.08 -21.49 -0.26
C SER B 253 -0.60 -21.03 1.12
N ILE B 254 0.57 -21.52 1.50
CA ILE B 254 1.32 -21.02 2.68
C ILE B 254 2.37 -19.98 2.21
N LEU B 255 3.01 -20.22 1.07
CA LEU B 255 3.98 -19.27 0.47
C LEU B 255 3.34 -18.63 -0.77
N ARG B 256 3.66 -17.37 -1.01
CA ARG B 256 3.15 -16.66 -2.21
C ARG B 256 4.17 -15.63 -2.64
N GLY B 257 4.11 -15.23 -3.92
CA GLY B 257 4.93 -14.14 -4.46
C GLY B 257 6.17 -14.65 -5.14
N HIS B 258 7.21 -13.81 -5.19
CA HIS B 258 8.48 -14.10 -5.89
C HIS B 258 9.23 -15.20 -5.12
N ARG B 259 9.82 -16.15 -5.85
CA ARG B 259 10.63 -17.25 -5.25
C ARG B 259 11.80 -16.68 -4.44
N ASP B 260 12.35 -15.53 -4.81
CA ASP B 260 13.50 -14.89 -4.13
C ASP B 260 13.04 -14.20 -2.84
N ALA B 261 11.75 -13.94 -2.67
CA ALA B 261 11.24 -13.17 -1.51
C ALA B 261 9.81 -13.60 -1.19
N PRO B 262 9.57 -14.91 -0.93
CA PRO B 262 8.21 -15.39 -0.71
C PRO B 262 7.60 -14.83 0.58
N GLN B 263 6.31 -14.52 0.55
CA GLN B 263 5.55 -14.22 1.78
C GLN B 263 5.16 -15.54 2.44
N LEU B 264 4.99 -15.50 3.75
CA LEU B 264 4.66 -16.65 4.62
C LEU B 264 3.31 -16.39 5.29
N CYS B 265 2.43 -17.39 5.31
CA CYS B 265 1.14 -17.32 6.02
C CYS B 265 0.82 -18.71 6.59
N VAL B 266 0.98 -18.86 7.89
CA VAL B 266 0.79 -20.19 8.55
C VAL B 266 0.47 -19.96 10.04
N ASP B 267 -0.30 -20.87 10.62
CA ASP B 267 -0.70 -20.84 12.05
C ASP B 267 -0.38 -22.21 12.64
N SER B 268 0.49 -22.28 13.65
CA SER B 268 1.01 -23.55 14.21
C SER B 268 -0.13 -24.43 14.73
N TYR B 269 -1.32 -23.86 14.99
CA TYR B 269 -2.47 -24.60 15.59
C TYR B 269 -3.71 -24.66 14.69
N PHE B 270 -3.77 -23.94 13.55
CA PHE B 270 -5.04 -23.82 12.77
C PHE B 270 -4.84 -24.08 11.28
N THR B 271 -3.72 -24.71 10.90
CA THR B 271 -3.37 -25.00 9.49
C THR B 271 -3.34 -26.51 9.28
N THR B 272 -4.04 -26.99 8.25
CA THR B 272 -4.02 -28.42 7.83
C THR B 272 -3.84 -28.47 6.31
N ALA B 273 -3.39 -29.60 5.79
CA ALA B 273 -3.41 -29.90 4.34
C ALA B 273 -4.86 -30.22 3.95
N VAL B 274 -5.21 -29.97 2.69
CA VAL B 274 -6.50 -30.37 2.06
C VAL B 274 -6.66 -31.88 2.26
N ASP B 275 -7.91 -32.34 2.41
CA ASP B 275 -8.26 -33.76 2.64
C ASP B 275 -7.54 -34.61 1.59
N GLY B 276 -6.76 -35.61 2.04
CA GLY B 276 -6.16 -36.65 1.19
C GLY B 276 -4.85 -36.21 0.56
N ASP B 277 -4.44 -34.95 0.72
CA ASP B 277 -3.16 -34.45 0.17
C ASP B 277 -2.03 -34.75 1.16
N ALA B 278 -1.52 -35.99 1.14
CA ALA B 278 -0.45 -36.49 2.03
C ALA B 278 0.85 -35.70 1.81
N GLU B 279 1.20 -35.40 0.56
CA GLU B 279 2.43 -34.63 0.23
C GLU B 279 2.34 -33.26 0.90
N ALA B 280 1.18 -32.60 0.82
CA ALA B 280 0.93 -31.27 1.42
C ALA B 280 1.03 -31.39 2.94
N ALA B 281 0.44 -32.43 3.54
CA ALA B 281 0.50 -32.67 5.00
C ALA B 281 1.97 -32.78 5.41
N GLY B 282 2.77 -33.52 4.65
CA GLY B 282 4.23 -33.67 4.85
C GLY B 282 4.96 -32.34 4.80
N ALA B 283 4.70 -31.53 3.76
CA ALA B 283 5.39 -30.24 3.54
C ALA B 283 5.08 -29.29 4.71
N LEU B 284 3.81 -29.25 5.12
CA LEU B 284 3.33 -28.41 6.24
C LEU B 284 4.09 -28.79 7.51
N ASP B 285 4.17 -30.09 7.84
CA ASP B 285 4.82 -30.48 9.13
C ASP B 285 6.32 -30.24 9.01
N THR B 286 6.93 -30.37 7.83
CA THR B 286 8.34 -30.00 7.60
C THR B 286 8.52 -28.51 7.92
N LEU B 287 7.62 -27.67 7.41
CA LEU B 287 7.70 -26.21 7.66
C LEU B 287 7.52 -25.93 9.16
N ILE B 288 6.55 -26.59 9.82
CA ILE B 288 6.27 -26.36 11.27
C ILE B 288 7.54 -26.72 12.06
N LYS B 289 8.21 -27.82 11.73
CA LYS B 289 9.46 -28.22 12.43
C LYS B 289 10.57 -27.20 12.14
N HIS B 290 10.67 -26.69 10.91
CA HIS B 290 11.68 -25.68 10.50
C HIS B 290 11.48 -24.38 11.31
N LEU B 291 10.26 -23.85 11.34
CA LEU B 291 9.98 -22.55 12.01
C LEU B 291 10.16 -22.72 13.52
N GLY B 292 9.63 -23.82 14.09
CA GLY B 292 9.85 -24.17 15.50
C GLY B 292 11.33 -24.15 15.85
N GLY B 293 12.19 -24.67 14.98
CA GLY B 293 13.64 -24.77 15.22
C GLY B 293 14.35 -23.44 15.02
N ALA B 294 13.77 -22.53 14.22
CA ALA B 294 14.39 -21.24 13.81
C ALA B 294 13.88 -20.09 14.69
N LEU B 295 12.95 -20.34 15.61
CA LEU B 295 12.37 -19.30 16.50
C LEU B 295 13.50 -18.58 17.22
N TYR B 296 13.48 -17.26 17.19
CA TYR B 296 14.36 -16.44 18.05
C TYR B 296 13.48 -15.44 18.78
N GLU B 297 14.09 -14.54 19.54
CA GLU B 297 13.35 -13.70 20.49
C GLU B 297 13.68 -12.23 20.26
N VAL B 298 12.69 -11.38 20.48
CA VAL B 298 12.84 -9.91 20.51
C VAL B 298 12.28 -9.47 21.86
N VAL B 299 13.14 -8.87 22.67
CA VAL B 299 12.74 -8.35 24.01
C VAL B 299 12.66 -6.83 23.89
N LEU B 300 11.50 -6.28 24.24
CA LEU B 300 11.26 -4.83 24.22
C LEU B 300 11.26 -4.33 25.65
N GLY B 301 12.28 -3.54 26.00
CA GLY B 301 12.30 -2.81 27.27
C GLY B 301 11.29 -1.66 27.22
N PRO B 302 11.04 -1.00 28.37
CA PRO B 302 10.16 0.17 28.37
C PRO B 302 10.62 1.24 27.37
N GLY B 303 9.70 1.64 26.49
CA GLY B 303 9.93 2.66 25.45
C GLY B 303 10.48 2.05 24.16
N ASP B 304 10.64 0.73 24.09
CA ASP B 304 11.06 0.05 22.83
C ASP B 304 9.78 -0.32 22.06
N VAL B 305 9.80 -0.07 20.76
CA VAL B 305 8.65 -0.41 19.87
C VAL B 305 9.18 -1.30 18.74
N ALA B 306 8.48 -2.38 18.44
CA ALA B 306 8.82 -3.25 17.30
C ALA B 306 7.65 -3.26 16.31
N PHE B 307 7.98 -3.35 15.03
CA PHE B 307 7.02 -3.69 13.96
C PHE B 307 7.50 -4.98 13.32
N LEU B 308 6.73 -6.04 13.49
CA LEU B 308 6.99 -7.33 12.83
C LEU B 308 6.38 -7.28 11.44
N ASP B 309 7.14 -7.70 10.43
CA ASP B 309 6.62 -7.81 9.05
C ASP B 309 5.84 -9.12 8.98
N ASN B 310 4.51 -9.01 9.09
CA ASN B 310 3.58 -10.16 9.20
C ASN B 310 3.53 -10.93 7.88
N ARG B 311 4.07 -10.36 6.80
CA ARG B 311 4.19 -11.07 5.49
C ARG B 311 5.36 -12.05 5.53
N ASN B 312 6.31 -11.84 6.44
CA ASN B 312 7.59 -12.60 6.43
C ASN B 312 7.72 -13.50 7.66
N VAL B 313 7.16 -13.12 8.81
CA VAL B 313 7.44 -13.86 10.08
C VAL B 313 6.13 -14.29 10.74
N VAL B 314 6.22 -15.42 11.43
CA VAL B 314 5.28 -15.83 12.49
C VAL B 314 5.81 -15.26 13.81
N HIS B 315 4.94 -15.11 14.79
CA HIS B 315 5.38 -14.65 16.13
C HIS B 315 4.53 -15.30 17.20
N GLY B 316 5.09 -15.31 18.41
CA GLY B 316 4.41 -15.77 19.62
C GLY B 316 5.03 -15.11 20.82
N ARG B 317 4.96 -15.78 21.95
CA ARG B 317 5.51 -15.21 23.21
C ARG B 317 5.88 -16.38 24.12
N ARG B 318 7.01 -16.23 24.80
CA ARG B 318 7.57 -17.24 25.74
C ARG B 318 6.67 -17.33 26.96
N PRO B 319 6.65 -18.50 27.63
CA PRO B 319 6.07 -18.63 28.96
C PRO B 319 6.75 -17.63 29.91
N PHE B 320 5.97 -17.01 30.79
CA PHE B 320 6.49 -16.13 31.87
C PHE B 320 5.58 -16.23 33.08
N ARG B 321 6.05 -15.69 34.20
CA ARG B 321 5.41 -15.74 35.54
C ARG B 321 4.85 -14.35 35.84
N ALA B 322 3.53 -14.18 35.74
CA ALA B 322 2.82 -12.93 36.06
C ALA B 322 2.59 -12.87 37.58
N ARG B 323 2.73 -11.69 38.18
CA ARG B 323 2.50 -11.44 39.63
C ARG B 323 1.06 -10.97 39.89
N PHE B 324 0.46 -10.27 38.92
CA PHE B 324 -0.92 -9.72 39.00
C PHE B 324 -1.00 -8.75 40.17
N ASP B 325 0.03 -7.94 40.36
CA ASP B 325 0.18 -6.98 41.48
C ASP B 325 0.31 -5.54 40.94
N GLY B 326 0.06 -5.34 39.64
CA GLY B 326 0.18 -4.01 39.00
C GLY B 326 1.59 -3.70 38.48
N THR B 327 2.53 -4.65 38.57
CA THR B 327 3.93 -4.47 38.12
C THR B 327 4.19 -5.27 36.83
N ASP B 328 3.19 -5.93 36.26
CA ASP B 328 3.41 -6.89 35.16
C ASP B 328 3.73 -6.18 33.85
N ARG B 329 4.33 -6.95 32.95
CA ARG B 329 4.56 -6.61 31.53
C ARG B 329 3.30 -6.01 30.90
N TRP B 330 3.47 -4.94 30.14
CA TRP B 330 2.34 -4.22 29.48
C TRP B 330 2.83 -3.68 28.15
N LEU B 331 2.23 -4.11 27.05
CA LEU B 331 2.49 -3.52 25.72
C LEU B 331 1.20 -2.96 25.15
N LYS B 332 1.35 -1.89 24.37
CA LYS B 332 0.31 -1.46 23.41
C LYS B 332 0.59 -2.18 22.10
N ARG B 333 -0.47 -2.58 21.40
CA ARG B 333 -0.35 -3.38 20.17
C ARG B 333 -1.20 -2.74 19.08
N ILE B 334 -0.76 -2.88 17.83
CA ILE B 334 -1.49 -2.30 16.68
C ILE B 334 -1.27 -3.19 15.45
N ASN B 335 -2.26 -3.21 14.56
CA ASN B 335 -2.18 -3.83 13.21
C ASN B 335 -2.03 -2.70 12.18
N VAL B 336 -1.16 -2.91 11.19
CA VAL B 336 -0.89 -1.93 10.11
C VAL B 336 -1.09 -2.62 8.76
N THR B 337 -1.81 -1.96 7.84
CA THR B 337 -1.94 -2.44 6.44
C THR B 337 -1.24 -1.46 5.49
N ALA B 338 -0.56 -2.00 4.49
CA ALA B 338 0.02 -1.21 3.39
C ALA B 338 -1.12 -0.67 2.51
N ASP B 339 -2.30 -1.29 2.53
CA ASP B 339 -3.37 -1.00 1.54
C ASP B 339 -4.73 -1.03 2.25
N LEU B 340 -5.12 0.08 2.87
CA LEU B 340 -6.41 0.18 3.60
C LEU B 340 -7.57 -0.05 2.62
N ARG B 341 -7.46 0.48 1.40
CA ARG B 341 -8.56 0.46 0.42
C ARG B 341 -8.99 -0.99 0.17
N LYS B 342 -8.06 -1.94 0.17
CA LYS B 342 -8.36 -3.31 -0.28
C LYS B 342 -9.36 -3.98 0.67
N SER B 343 -9.51 -3.52 1.92
CA SER B 343 -10.41 -4.13 2.92
C SER B 343 -11.75 -3.40 3.03
N ARG B 344 -12.07 -2.52 2.09
CA ARG B 344 -13.28 -1.65 2.20
C ARG B 344 -14.54 -2.51 2.33
N ALA B 345 -14.61 -3.68 1.69
CA ALA B 345 -15.76 -4.62 1.75
C ALA B 345 -16.00 -5.09 3.18
N ALA B 346 -14.98 -5.04 4.05
CA ALA B 346 -15.04 -5.55 5.43
C ALA B 346 -15.06 -4.40 6.44
N ARG B 347 -15.21 -3.15 6.00
CA ARG B 347 -15.21 -1.98 6.93
C ARG B 347 -16.52 -1.22 6.77
N ARG B 348 -16.92 -0.50 7.82
CA ARG B 348 -18.25 0.12 7.99
C ARG B 348 -18.44 1.26 6.98
N ASP B 349 -17.37 2.02 6.75
CA ASP B 349 -17.38 3.20 5.86
C ASP B 349 -15.92 3.47 5.51
N ALA B 350 -15.68 4.49 4.68
CA ALA B 350 -14.35 4.78 4.10
C ALA B 350 -13.29 4.89 5.19
N GLN B 351 -13.60 5.64 6.26
CA GLN B 351 -12.60 6.05 7.27
C GLN B 351 -12.54 5.03 8.41
N ALA B 352 -13.58 4.21 8.59
CA ALA B 352 -13.64 3.21 9.68
C ALA B 352 -12.48 2.22 9.50
N ARG B 353 -11.85 1.85 10.61
CA ARG B 353 -10.62 1.02 10.59
C ARG B 353 -10.88 -0.37 11.15
N VAL B 354 -12.13 -0.74 11.42
CA VAL B 354 -12.42 -2.00 12.17
C VAL B 354 -12.86 -3.08 11.20
N LEU B 355 -12.02 -4.09 10.99
CA LEU B 355 -12.31 -5.18 10.05
C LEU B 355 -13.42 -6.07 10.63
N GLY B 356 -14.49 -6.26 9.86
CA GLY B 356 -15.65 -7.11 10.21
C GLY B 356 -16.74 -6.33 10.93
N GLU B 357 -16.63 -5.00 10.99
CA GLU B 357 -17.63 -4.09 11.62
C GLU B 357 -18.84 -3.95 10.67
N ALA B 358 -18.58 -3.92 9.36
CA ALA B 358 -19.60 -4.03 8.27
C ALA B 358 -18.92 -3.87 6.90
C1 AKG C . -2.53 8.53 -20.58
O1 AKG C . -2.71 7.50 -19.94
O2 AKG C . -1.49 8.77 -21.19
C2 AKG C . -3.47 9.44 -20.57
O5 AKG C . -4.63 9.08 -20.40
C3 AKG C . -3.19 10.91 -20.79
C4 AKG C . -4.35 11.84 -20.55
C5 AKG C . -4.10 13.26 -21.03
O3 AKG C . -3.35 13.41 -22.02
O4 AKG C . -4.65 14.22 -20.42
C1 PGE D . 8.32 3.68 -30.59
O1 PGE D . 9.72 3.80 -30.50
C2 PGE D . 7.65 5.02 -30.61
O2 PGE D . 6.35 4.93 -31.19
C3 PGE D . 5.46 5.95 -30.75
C4 PGE D . 4.96 5.61 -29.38
O4 PGE D . 2.27 7.49 -26.04
C6 PGE D . 2.81 6.49 -26.89
C5 PGE D . 3.85 7.03 -27.80
O3 PGE D . 3.79 6.37 -29.07
FE FE E . -4.41 6.72 -19.27
C1 AKG F . 0.12 -10.90 19.86
O1 AKG F . -0.02 -10.98 18.65
O2 AKG F . -0.74 -10.44 20.62
C2 AKG F . 1.22 -11.30 20.40
O5 AKG F . 1.73 -12.35 20.01
C3 AKG F . 1.93 -10.54 21.50
C4 AKG F . 3.43 -10.76 21.58
C5 AKG F . 4.04 -10.53 22.94
O3 AKG F . 5.24 -10.26 23.00
O4 AKG F . 3.30 -10.61 23.95
#